data_5OMX
#
_entry.id   5OMX
#
_cell.length_a   106.753
_cell.length_b   182.578
_cell.length_c   109.645
_cell.angle_alpha   90.00
_cell.angle_beta   90.00
_cell.angle_gamma   90.00
#
_symmetry.space_group_name_H-M   'P 21 21 21'
#
loop_
_entity.id
_entity.type
_entity.pdbx_description
1 polymer 'DNA (147-MER)'
2 polymer 'DNA (147-MER)'
3 polymer 'Histone H3.2'
4 polymer 'Histone H4'
5 polymer 'Histone H2A'
6 polymer 'Histone H2B 1.1'
7 non-polymer 'MANGANESE (II) ION'
8 non-polymer 'CHLORIDE ION'
9 water water
#
loop_
_entity_poly.entity_id
_entity_poly.type
_entity_poly.pdbx_seq_one_letter_code
_entity_poly.pdbx_strand_id
1 'polydeoxyribonucleotide'
;(DA)(DT)(DC)(DA)(DA)(DT)(DA)(DT)(DC)(DC)(DA)(DC)(DC)(DT)(DG)(DC)(DA)(DG)(DA)(DT)
(DA)(DC)(DT)(DA)(DC)(DC)(DA)(DA)(DA)(DA)(DG)(DT)(DG)(DT)(DA)(DT)(DT)(DT)(DG)(DG)
(DA)(DA)(DA)(DC)(DT)(DG)(DC)(DT)(DC)(DC)(DA)(DT)(DC)(DA)(DA)(DA)(DA)(DG)(DG)(DC)
(DA)(DT)(DG)(DT)(DT)(DC)(DA)(DG)(DC)(DT)(DG)(DG)(DA)(DA)(DT)(DC)(DC)(DA)(DG)(DC)
(DT)(DG)(DA)(DA)(DC)(DA)(DT)(DG)(DC)(DC)(DT)(DT)(DT)(DT)(DG)(DA)(DT)(DG)(DG)(DA)
(DG)(DC)(DA)(DG)(DT)(DT)(DT)(DC)(DC)(DA)(DA)(DA)(DT)(DA)(DC)(DA)(DC)(DT)(DT)(DT)
(DT)(DG)(DG)(DT)(DA)(DG)(DT)(DA)(DT)(DC)(DT)(DG)(DC)(DA)(DG)(DG)(DT)(DG)(DG)(DA)
(DT)(DA)(DT)(DT)(DG)(DA)(DT)
;
I
2 'polydeoxyribonucleotide'
;(DA)(DT)(DC)(DA)(DA)(DT)(DA)(DT)(DC)(DC)(DA)(DC)(DC)(DT)(DG)(DC)(DA)(DG)(DA)(DT)
(DA)(DC)(DT)(DA)(DC)(DC)(DA)(DA)(DA)(DA)(DG)(DT)(DG)(DT)(DA)(DT)(DT)(DT)(DG)(DG)
(DA)(DA)(DA)(DC)(DT)(DG)(DC)(DT)(DC)(DC)(DA)(DT)(DC)(DA)(DA)(DA)(DA)(DG)(DG)(DC)
(DA)(DT)(DG)(DT)(DT)(DC)(DA)(DG)(DC)(DT)(DG)(DG)(DA)(DT)(DT)(DC)(DC)(DA)(DG)(DC)
(DT)(DG)(DA)(DA)(DC)(DA)(DT)(DG)(DC)(DC)(DT)(DT)(DT)(DT)(DG)(DA)(DT)(DG)(DG)(DA)
(DG)(DC)(DA)(DG)(DT)(DT)(DT)(DC)(DC)(DA)(DA)(DA)(DT)(DA)(DC)(DA)(DC)(DT)(DT)(DT)
(DT)(DG)(DG)(DT)(DA)(DG)(DT)(DA)(DT)(DC)(DT)(DG)(DC)(DA)(DG)(DG)(DT)(DG)(DG)(DA)
(DT)(DA)(DT)(DT)(DG)(DA)(DT)
;
J
3 'polypeptide(L)'
;ARTKQTARKSTGGKAPRKQLATKAARKSAPATGGVKKPHRYRPGTVALREIRRYQKSTELLIRKLPFQRLVREIAQDFKT
DLRFQSSAVMALQEASEAYLVALFEDTNLAAIHAKRVTIMPKDIQLARRIRGERA
;
A,E
4 'polypeptide(L)'
;MSGRGKGGKGLGKGGAKRHRKVLRDNIQGITKPAIRRLARRGGVKRISGLIYEETRGVLKVFLENVIRDAVTYTEHAKRK
TVTAMDVVYALKRQGRTLYGFGG
;
B,F
5 'polypeptide(L)'
;SGRGKQGGKTRAKAKTRSSRAGLQFPVGRVHRLLRKGCYAERVGAGAPVYLAAVLEYLTAEILELAGNAARDNKKTRIIP
RHLQLAVRNDEELNKLLGRVTIAQGGVLPNIQSVLLPKKTESSKSAKSK
;
C,G
6 'polypeptide(L)'
;AKSAPAPKKGSKKAVTKTQKKDGKKRRKTRKESYAIYVYKVLKQVHPDTGISSKAMSIMNSFVNDVFERIAGEASRLAHY
NKRSTITSREIQTAVRLLLPGELAKHAVSEGTKAVTKYTSAK
;
D,H
#
loop_
_chem_comp.id
_chem_comp.type
_chem_comp.name
_chem_comp.formula
CL non-polymer 'CHLORIDE ION' 'Cl -1'
DA DNA linking 2'-DEOXYADENOSINE-5'-MONOPHOSPHATE 'C10 H14 N5 O6 P'
DC DNA linking 2'-DEOXYCYTIDINE-5'-MONOPHOSPHATE 'C9 H14 N3 O7 P'
DG DNA linking 2'-DEOXYGUANOSINE-5'-MONOPHOSPHATE 'C10 H14 N5 O7 P'
DT DNA linking THYMIDINE-5'-MONOPHOSPHATE 'C10 H15 N2 O8 P'
MN non-polymer 'MANGANESE (II) ION' 'Mn 2'
#
# COMPACT_ATOMS: atom_id res chain seq x y z
N PRO C 38 3.67 -35.95 -42.21
CA PRO C 38 3.88 -34.50 -41.98
C PRO C 38 4.66 -34.23 -40.69
N HIS C 39 5.32 -33.08 -40.65
CA HIS C 39 6.11 -32.67 -39.48
C HIS C 39 5.21 -32.09 -38.41
N ARG C 40 5.36 -32.59 -37.18
CA ARG C 40 4.52 -32.14 -36.09
C ARG C 40 5.28 -32.01 -34.76
N TYR C 41 5.29 -30.80 -34.20
CA TYR C 41 5.97 -30.56 -32.93
C TYR C 41 5.13 -31.13 -31.79
N ARG C 42 5.78 -31.68 -30.78
CA ARG C 42 5.07 -32.27 -29.63
C ARG C 42 4.31 -31.22 -28.82
N PRO C 43 3.23 -31.64 -28.15
CA PRO C 43 2.45 -30.70 -27.35
C PRO C 43 3.39 -30.06 -26.32
N GLY C 44 3.37 -28.73 -26.23
CA GLY C 44 4.23 -28.07 -25.27
C GLY C 44 5.46 -27.40 -25.84
N THR C 45 6.02 -27.97 -26.90
CA THR C 45 7.22 -27.41 -27.52
C THR C 45 7.00 -26.01 -28.11
N VAL C 46 5.84 -25.79 -28.73
CA VAL C 46 5.56 -24.48 -29.31
C VAL C 46 5.19 -23.46 -28.24
N ALA C 47 4.64 -23.95 -27.13
CA ALA C 47 4.25 -23.08 -26.02
C ALA C 47 5.53 -22.50 -25.43
N LEU C 48 6.53 -23.35 -25.23
CA LEU C 48 7.80 -22.89 -24.69
C LEU C 48 8.42 -21.84 -25.61
N ARG C 49 8.24 -22.00 -26.91
CA ARG C 49 8.76 -21.05 -27.86
C ARG C 49 8.06 -19.70 -27.71
N GLU C 50 6.74 -19.74 -27.61
CA GLU C 50 5.95 -18.53 -27.44
C GLU C 50 6.36 -17.78 -26.17
N ILE C 51 6.56 -18.52 -25.09
CA ILE C 51 6.97 -17.92 -23.82
C ILE C 51 8.29 -17.19 -24.01
N ARG C 52 9.23 -17.83 -24.69
CA ARG C 52 10.53 -17.21 -24.92
C ARG C 52 10.37 -15.99 -25.82
N ARG C 53 9.46 -16.11 -26.77
CA ARG C 53 9.18 -15.04 -27.71
C ARG C 53 8.49 -13.84 -27.07
N TYR C 54 7.44 -14.08 -26.29
CA TYR C 54 6.73 -12.97 -25.67
C TYR C 54 7.40 -12.39 -24.43
N GLN C 55 8.30 -13.14 -23.81
CA GLN C 55 8.99 -12.62 -22.63
C GLN C 55 10.15 -11.73 -23.06
N LYS C 56 10.48 -11.80 -24.35
CA LYS C 56 11.56 -10.99 -24.87
C LYS C 56 11.06 -9.68 -25.43
N SER C 57 9.82 -9.67 -25.91
CA SER C 57 9.22 -8.48 -26.49
C SER C 57 8.45 -7.60 -25.49
N THR C 58 8.02 -6.43 -25.94
CA THR C 58 7.30 -5.51 -25.07
C THR C 58 5.99 -5.00 -25.66
N GLU C 59 5.74 -5.31 -26.92
CA GLU C 59 4.51 -4.86 -27.56
C GLU C 59 3.28 -5.35 -26.79
N LEU C 60 2.19 -4.61 -26.89
CA LEU C 60 0.94 -4.98 -26.23
C LEU C 60 0.44 -6.24 -26.93
N LEU C 61 -0.22 -7.12 -26.17
CA LEU C 61 -0.69 -8.38 -26.71
C LEU C 61 -2.20 -8.48 -26.94
N ILE C 62 -2.91 -7.41 -26.64
CA ILE C 62 -4.36 -7.35 -26.87
C ILE C 62 -4.56 -6.36 -28.02
N ARG C 63 -5.34 -6.74 -29.03
CA ARG C 63 -5.59 -5.84 -30.16
C ARG C 63 -6.18 -4.55 -29.60
N LYS C 64 -5.68 -3.41 -30.10
CA LYS C 64 -6.09 -2.10 -29.61
C LYS C 64 -7.54 -1.65 -29.76
N LEU C 65 -8.17 -1.94 -30.89
CA LEU C 65 -9.54 -1.50 -31.08
C LEU C 65 -10.51 -2.21 -30.14
N PRO C 66 -10.46 -3.55 -30.09
CA PRO C 66 -11.37 -4.29 -29.20
C PRO C 66 -11.23 -3.78 -27.76
N PHE C 67 -10.00 -3.49 -27.37
CA PHE C 67 -9.72 -2.98 -26.03
C PHE C 67 -10.32 -1.60 -25.83
N GLN C 68 -10.10 -0.73 -26.80
CA GLN C 68 -10.65 0.64 -26.76
C GLN C 68 -12.18 0.64 -26.67
N ARG C 69 -12.81 -0.38 -27.27
CA ARG C 69 -14.26 -0.49 -27.22
C ARG C 69 -14.71 -0.90 -25.82
N LEU C 70 -13.97 -1.84 -25.24
CA LEU C 70 -14.27 -2.32 -23.90
C LEU C 70 -14.14 -1.15 -22.93
N VAL C 71 -13.07 -0.39 -23.06
CA VAL C 71 -12.85 0.77 -22.20
C VAL C 71 -14.02 1.76 -22.27
N ARG C 72 -14.41 2.13 -23.49
CA ARG C 72 -15.50 3.09 -23.65
C ARG C 72 -16.83 2.63 -23.08
N GLU C 73 -17.21 1.38 -23.30
CA GLU C 73 -18.49 0.93 -22.75
C GLU C 73 -18.50 0.99 -21.22
N ILE C 74 -17.40 0.57 -20.60
CA ILE C 74 -17.30 0.58 -19.14
C ILE C 74 -17.42 2.00 -18.61
N ALA C 75 -16.70 2.93 -19.21
CA ALA C 75 -16.75 4.33 -18.79
C ALA C 75 -18.17 4.91 -18.96
N GLN C 76 -18.86 4.50 -20.02
CA GLN C 76 -20.21 4.96 -20.30
C GLN C 76 -21.16 4.72 -19.14
N ASP C 77 -20.85 3.73 -18.31
CA ASP C 77 -21.68 3.41 -17.15
C ASP C 77 -21.46 4.39 -15.99
N PHE C 78 -20.41 5.19 -16.06
CA PHE C 78 -20.13 6.15 -14.99
C PHE C 78 -20.43 7.58 -15.41
N LYS C 79 -20.35 7.82 -16.71
CA LYS C 79 -20.63 9.15 -17.25
C LYS C 79 -20.74 9.00 -18.76
N THR C 80 -21.81 9.54 -19.31
CA THR C 80 -22.06 9.45 -20.75
C THR C 80 -21.43 10.58 -21.57
N ASP C 81 -21.21 10.29 -22.85
CA ASP C 81 -20.61 11.24 -23.80
C ASP C 81 -19.16 11.58 -23.47
N LEU C 82 -18.43 10.60 -22.96
CA LEU C 82 -17.04 10.78 -22.59
C LEU C 82 -16.10 10.57 -23.78
N ARG C 83 -15.11 11.46 -23.88
CA ARG C 83 -14.11 11.35 -24.92
C ARG C 83 -12.86 10.91 -24.17
N PHE C 84 -11.95 10.23 -24.87
CA PHE C 84 -10.71 9.76 -24.27
C PHE C 84 -9.50 10.24 -25.06
N GLN C 85 -8.49 10.78 -24.39
CA GLN C 85 -7.29 11.18 -25.13
C GLN C 85 -6.72 9.85 -25.63
N SER C 86 -5.90 9.89 -26.67
CA SER C 86 -5.29 8.68 -27.21
C SER C 86 -4.39 8.06 -26.14
N SER C 87 -3.54 8.90 -25.54
CA SER C 87 -2.62 8.43 -24.52
C SER C 87 -3.37 7.84 -23.32
N ALA C 88 -4.56 8.37 -23.04
CA ALA C 88 -5.38 7.88 -21.93
C ALA C 88 -5.73 6.40 -22.09
N VAL C 89 -6.17 6.02 -23.28
CA VAL C 89 -6.53 4.63 -23.53
C VAL C 89 -5.28 3.74 -23.49
N MET C 90 -4.17 4.25 -24.01
CA MET C 90 -2.91 3.52 -24.03
C MET C 90 -2.39 3.24 -22.63
N ALA C 91 -2.56 4.19 -21.72
CA ALA C 91 -2.14 4.01 -20.35
C ALA C 91 -2.97 2.89 -19.72
N LEU C 92 -4.26 2.86 -20.01
CA LEU C 92 -5.11 1.82 -19.47
C LEU C 92 -4.71 0.44 -20.00
N GLN C 93 -4.30 0.35 -21.26
CA GLN C 93 -3.94 -0.95 -21.83
C GLN C 93 -2.60 -1.40 -21.23
N GLU C 94 -1.67 -0.47 -21.12
CA GLU C 94 -0.35 -0.76 -20.56
C GLU C 94 -0.52 -1.26 -19.12
N ALA C 95 -1.39 -0.60 -18.36
CA ALA C 95 -1.63 -1.00 -16.97
C ALA C 95 -2.36 -2.34 -16.85
N SER C 96 -3.39 -2.54 -17.66
CA SER C 96 -4.15 -3.79 -17.61
C SER C 96 -3.30 -4.99 -17.98
N GLU C 97 -2.51 -4.85 -19.04
CA GLU C 97 -1.67 -5.94 -19.49
C GLU C 97 -0.59 -6.30 -18.47
N ALA C 98 0.02 -5.29 -17.87
CA ALA C 98 1.04 -5.55 -16.87
C ALA C 98 0.37 -6.25 -15.69
N TYR C 99 -0.86 -5.86 -15.38
CA TYR C 99 -1.57 -6.46 -14.25
C TYR C 99 -1.92 -7.92 -14.56
N LEU C 100 -2.42 -8.17 -15.76
CA LEU C 100 -2.78 -9.54 -16.10
C LEU C 100 -1.55 -10.42 -16.18
N VAL C 101 -0.44 -9.88 -16.73
CA VAL C 101 0.78 -10.67 -16.87
C VAL C 101 1.33 -11.10 -15.52
N ALA C 102 1.37 -10.18 -14.56
CA ALA C 102 1.86 -10.52 -13.23
C ALA C 102 0.91 -11.51 -12.55
N LEU C 103 -0.40 -11.34 -12.77
CA LEU C 103 -1.38 -12.25 -12.18
C LEU C 103 -1.17 -13.68 -12.70
N PHE C 104 -0.83 -13.82 -13.98
CA PHE C 104 -0.59 -15.14 -14.53
C PHE C 104 0.68 -15.74 -13.94
N GLU C 105 1.66 -14.90 -13.62
CA GLU C 105 2.89 -15.39 -12.99
C GLU C 105 2.52 -16.06 -11.66
N ASP C 106 1.74 -15.36 -10.85
CA ASP C 106 1.32 -15.89 -9.54
C ASP C 106 0.38 -17.08 -9.70
N THR C 107 -0.44 -17.05 -10.75
CA THR C 107 -1.37 -18.13 -11.02
C THR C 107 -0.57 -19.40 -11.39
N ASN C 108 0.52 -19.19 -12.12
CA ASN C 108 1.37 -20.28 -12.54
C ASN C 108 2.01 -20.93 -11.32
N LEU C 109 2.49 -20.12 -10.38
CA LEU C 109 3.07 -20.66 -9.15
C LEU C 109 2.02 -21.47 -8.35
N ALA C 110 0.77 -20.98 -8.33
CA ALA C 110 -0.31 -21.69 -7.63
C ALA C 110 -0.56 -23.06 -8.27
N ALA C 111 -0.61 -23.09 -9.59
CA ALA C 111 -0.82 -24.37 -10.29
C ALA C 111 0.36 -25.30 -10.02
N ILE C 112 1.58 -24.77 -10.16
CA ILE C 112 2.76 -25.60 -9.92
C ILE C 112 2.78 -26.07 -8.47
N HIS C 113 2.22 -25.26 -7.57
CA HIS C 113 2.17 -25.63 -6.16
C HIS C 113 1.31 -26.89 -5.96
N ALA C 114 0.26 -27.00 -6.77
CA ALA C 114 -0.63 -28.15 -6.69
C ALA C 114 -0.13 -29.30 -7.55
N LYS C 115 1.14 -29.22 -7.96
CA LYS C 115 1.78 -30.26 -8.78
C LYS C 115 1.18 -30.37 -10.18
N ARG C 116 0.81 -29.22 -10.75
CA ARG C 116 0.25 -29.18 -12.09
C ARG C 116 1.10 -28.25 -12.96
N VAL C 117 0.81 -28.23 -14.24
CA VAL C 117 1.53 -27.38 -15.18
C VAL C 117 0.46 -26.66 -16.01
N THR C 118 -0.79 -26.88 -15.62
CA THR C 118 -1.95 -26.29 -16.27
C THR C 118 -2.65 -25.32 -15.33
N ILE C 119 -2.75 -24.04 -15.69
CA ILE C 119 -3.45 -23.10 -14.83
C ILE C 119 -4.96 -23.25 -14.97
N MET C 120 -5.66 -23.10 -13.86
CA MET C 120 -7.10 -23.21 -13.82
C MET C 120 -7.70 -22.06 -13.03
N PRO C 121 -9.02 -21.90 -13.08
CA PRO C 121 -9.68 -20.81 -12.35
C PRO C 121 -9.33 -20.82 -10.86
N LYS C 122 -9.27 -22.00 -10.26
CA LYS C 122 -8.95 -22.09 -8.85
C LYS C 122 -7.56 -21.48 -8.56
N ASP C 123 -6.66 -21.55 -9.55
CA ASP C 123 -5.32 -20.96 -9.38
C ASP C 123 -5.42 -19.43 -9.38
N ILE C 124 -6.17 -18.86 -10.33
CA ILE C 124 -6.33 -17.41 -10.38
C ILE C 124 -7.01 -16.90 -9.10
N GLN C 125 -8.03 -17.63 -8.65
CA GLN C 125 -8.77 -17.24 -7.44
C GLN C 125 -7.84 -17.25 -6.23
N LEU C 126 -7.06 -18.33 -6.10
CA LEU C 126 -6.13 -18.46 -4.99
C LEU C 126 -5.17 -17.26 -4.94
N ALA C 127 -4.60 -16.95 -6.10
CA ALA C 127 -3.68 -15.82 -6.21
C ALA C 127 -4.38 -14.49 -5.82
N ARG C 128 -5.59 -14.26 -6.34
CA ARG C 128 -6.28 -13.03 -5.99
C ARG C 128 -6.65 -12.97 -4.52
N ARG C 129 -7.11 -14.10 -3.98
CA ARG C 129 -7.47 -14.16 -2.57
C ARG C 129 -6.25 -13.79 -1.71
N ILE C 130 -5.13 -14.46 -1.93
CA ILE C 130 -3.92 -14.20 -1.17
C ILE C 130 -3.41 -12.77 -1.37
N ARG C 131 -3.58 -12.23 -2.58
CA ARG C 131 -3.13 -10.85 -2.84
C ARG C 131 -3.98 -9.85 -2.04
N GLY C 132 -5.20 -10.25 -1.68
CA GLY C 132 -6.08 -9.36 -0.95
C GLY C 132 -7.05 -8.63 -1.86
N GLU C 133 -7.31 -9.21 -3.04
CA GLU C 133 -8.22 -8.62 -4.03
C GLU C 133 -9.66 -9.12 -3.87
N ARG C 134 -9.82 -10.39 -3.52
CA ARG C 134 -11.14 -10.98 -3.33
C ARG C 134 -11.72 -10.62 -1.96
N ASP D 25 -20.45 -9.16 -28.04
CA ASP D 25 -20.20 -8.34 -26.81
C ASP D 25 -18.82 -7.71 -26.91
N ASN D 26 -18.51 -6.78 -26.02
CA ASN D 26 -17.23 -6.10 -26.00
C ASN D 26 -16.14 -6.84 -25.22
N ILE D 27 -16.46 -7.32 -24.02
CA ILE D 27 -15.48 -8.05 -23.23
C ILE D 27 -15.03 -9.28 -24.02
N GLN D 28 -15.95 -9.81 -24.84
CA GLN D 28 -15.63 -10.98 -25.68
C GLN D 28 -14.65 -10.61 -26.78
N GLY D 29 -14.42 -9.31 -26.95
CA GLY D 29 -13.48 -8.84 -27.94
C GLY D 29 -12.05 -9.16 -27.48
N ILE D 30 -11.91 -9.41 -26.18
CA ILE D 30 -10.62 -9.78 -25.60
C ILE D 30 -10.58 -11.27 -25.93
N THR D 31 -9.87 -11.59 -27.00
CA THR D 31 -9.78 -12.95 -27.51
C THR D 31 -8.95 -13.99 -26.78
N LYS D 32 -9.31 -15.24 -27.02
CA LYS D 32 -8.60 -16.39 -26.47
C LYS D 32 -7.12 -16.30 -26.84
N PRO D 33 -6.80 -15.95 -28.09
CA PRO D 33 -5.39 -15.85 -28.50
C PRO D 33 -4.62 -14.81 -27.73
N ALA D 34 -5.23 -13.64 -27.52
CA ALA D 34 -4.57 -12.55 -26.79
C ALA D 34 -4.36 -12.93 -25.32
N ILE D 35 -5.38 -13.54 -24.73
CA ILE D 35 -5.33 -13.97 -23.34
C ILE D 35 -4.20 -15.00 -23.19
N ARG D 36 -4.03 -15.84 -24.20
CA ARG D 36 -2.97 -16.84 -24.18
C ARG D 36 -1.61 -16.18 -24.34
N ARG D 37 -1.54 -15.10 -25.11
CA ARG D 37 -0.27 -14.40 -25.29
C ARG D 37 0.16 -13.81 -23.95
N LEU D 38 -0.78 -13.17 -23.28
CA LEU D 38 -0.53 -12.56 -21.98
C LEU D 38 -0.01 -13.63 -21.02
N ALA D 39 -0.69 -14.76 -20.98
CA ALA D 39 -0.29 -15.86 -20.11
C ALA D 39 1.12 -16.32 -20.44
N ARG D 40 1.44 -16.39 -21.74
CA ARG D 40 2.75 -16.81 -22.21
C ARG D 40 3.82 -15.85 -21.69
N ARG D 41 3.55 -14.56 -21.76
CA ARG D 41 4.50 -13.58 -21.27
C ARG D 41 4.63 -13.77 -19.77
N GLY D 42 3.61 -14.38 -19.17
CA GLY D 42 3.63 -14.62 -17.74
C GLY D 42 4.29 -15.96 -17.40
N GLY D 43 4.80 -16.66 -18.41
CA GLY D 43 5.47 -17.93 -18.17
C GLY D 43 4.59 -19.17 -18.16
N VAL D 44 3.32 -19.03 -18.53
CA VAL D 44 2.37 -20.14 -18.54
C VAL D 44 2.49 -21.01 -19.80
N LYS D 45 2.56 -22.33 -19.58
CA LYS D 45 2.72 -23.31 -20.65
C LYS D 45 1.42 -24.02 -21.09
N ARG D 46 0.61 -24.43 -20.12
CA ARG D 46 -0.62 -25.14 -20.44
C ARG D 46 -1.81 -24.41 -19.79
N ILE D 47 -2.82 -24.14 -20.60
CA ILE D 47 -4.00 -23.39 -20.15
C ILE D 47 -5.34 -24.14 -20.22
N SER D 48 -6.11 -24.04 -19.14
CA SER D 48 -7.43 -24.67 -19.03
C SER D 48 -8.48 -23.92 -19.81
N GLY D 49 -9.39 -24.66 -20.43
CA GLY D 49 -10.45 -24.05 -21.21
C GLY D 49 -11.25 -22.99 -20.46
N LEU D 50 -11.39 -23.16 -19.15
CA LEU D 50 -12.16 -22.23 -18.34
C LEU D 50 -11.43 -20.93 -17.96
N ILE D 51 -10.12 -20.90 -18.19
CA ILE D 51 -9.31 -19.72 -17.86
C ILE D 51 -9.73 -18.47 -18.63
N TYR D 52 -10.11 -18.65 -19.89
CA TYR D 52 -10.49 -17.53 -20.74
C TYR D 52 -11.66 -16.73 -20.18
N GLU D 53 -12.68 -17.40 -19.66
CA GLU D 53 -13.81 -16.69 -19.11
C GLU D 53 -13.44 -16.07 -17.75
N GLU D 54 -12.60 -16.76 -16.99
CA GLU D 54 -12.18 -16.27 -15.69
C GLU D 54 -11.35 -15.00 -15.86
N THR D 55 -10.50 -14.97 -16.89
CA THR D 55 -9.65 -13.81 -17.14
C THR D 55 -10.47 -12.58 -17.53
N ARG D 56 -11.45 -12.78 -18.41
CA ARG D 56 -12.28 -11.65 -18.82
C ARG D 56 -12.93 -10.99 -17.61
N GLY D 57 -13.45 -11.79 -16.69
CA GLY D 57 -14.06 -11.24 -15.50
C GLY D 57 -13.04 -10.45 -14.68
N VAL D 58 -11.84 -11.00 -14.56
CA VAL D 58 -10.81 -10.32 -13.81
C VAL D 58 -10.47 -9.02 -14.50
N LEU D 59 -10.30 -9.05 -15.82
CA LEU D 59 -9.97 -7.81 -16.54
C LEU D 59 -11.07 -6.76 -16.45
N LYS D 60 -12.33 -7.19 -16.46
CA LYS D 60 -13.44 -6.26 -16.36
C LYS D 60 -13.45 -5.56 -15.00
N VAL D 61 -13.30 -6.33 -13.93
CA VAL D 61 -13.28 -5.75 -12.59
C VAL D 61 -12.10 -4.79 -12.46
N PHE D 62 -10.93 -5.16 -12.98
CA PHE D 62 -9.77 -4.29 -12.93
C PHE D 62 -10.09 -2.93 -13.59
N LEU D 63 -10.59 -2.98 -14.82
CA LEU D 63 -10.92 -1.74 -15.53
C LEU D 63 -12.02 -0.90 -14.87
N GLU D 64 -13.06 -1.54 -14.36
CA GLU D 64 -14.12 -0.79 -13.69
C GLU D 64 -13.57 0.04 -12.52
N ASN D 65 -12.69 -0.57 -11.71
CA ASN D 65 -12.12 0.14 -10.55
C ASN D 65 -11.21 1.28 -10.97
N VAL D 66 -10.42 1.06 -12.01
CA VAL D 66 -9.52 2.10 -12.49
C VAL D 66 -10.27 3.20 -13.25
N ILE D 67 -11.17 2.78 -14.15
CA ILE D 67 -11.93 3.75 -14.93
C ILE D 67 -12.87 4.57 -14.06
N ARG D 68 -13.45 3.94 -13.04
CA ARG D 68 -14.33 4.65 -12.15
C ARG D 68 -13.59 5.80 -11.48
N ASP D 69 -12.36 5.55 -11.02
CA ASP D 69 -11.60 6.61 -10.37
C ASP D 69 -11.19 7.69 -11.35
N ALA D 70 -10.79 7.29 -12.57
CA ALA D 70 -10.38 8.23 -13.62
C ALA D 70 -11.51 9.20 -13.93
N VAL D 71 -12.65 8.64 -14.29
CA VAL D 71 -13.81 9.45 -14.62
C VAL D 71 -14.13 10.39 -13.47
N THR D 72 -13.96 9.93 -12.24
CA THR D 72 -14.22 10.77 -11.08
C THR D 72 -13.31 12.00 -11.10
N TYR D 73 -12.05 11.82 -11.48
CA TYR D 73 -11.12 12.95 -11.55
C TYR D 73 -11.56 13.82 -12.74
N THR D 74 -12.08 13.16 -13.78
CA THR D 74 -12.55 13.88 -14.97
C THR D 74 -13.75 14.75 -14.60
N GLU D 75 -14.73 14.16 -13.89
CA GLU D 75 -15.91 14.92 -13.48
C GLU D 75 -15.51 16.06 -12.55
N HIS D 76 -14.51 15.84 -11.71
CA HIS D 76 -14.10 16.87 -10.78
C HIS D 76 -13.57 18.11 -11.49
N ALA D 77 -12.79 17.88 -12.54
CA ALA D 77 -12.20 18.99 -13.29
C ALA D 77 -13.14 19.56 -14.35
N LYS D 78 -14.41 19.18 -14.29
CA LYS D 78 -15.37 19.72 -15.25
C LYS D 78 -14.95 19.51 -16.70
N ARG D 79 -14.55 18.30 -17.06
CA ARG D 79 -14.16 18.01 -18.44
C ARG D 79 -15.02 16.89 -18.97
N LYS D 80 -15.03 16.71 -20.29
CA LYS D 80 -15.83 15.65 -20.89
C LYS D 80 -14.85 14.67 -21.54
N THR D 81 -13.57 14.91 -21.28
CA THR D 81 -12.51 14.07 -21.83
C THR D 81 -11.60 13.46 -20.74
N VAL D 82 -11.53 12.14 -20.73
CA VAL D 82 -10.68 11.43 -19.78
C VAL D 82 -9.24 11.62 -20.25
N THR D 83 -8.40 12.23 -19.43
CA THR D 83 -7.01 12.43 -19.83
C THR D 83 -6.05 11.35 -19.30
N ALA D 84 -4.88 11.26 -19.91
CA ALA D 84 -3.89 10.28 -19.47
C ALA D 84 -3.62 10.52 -18.00
N MET D 85 -3.50 11.79 -17.59
CA MET D 85 -3.28 12.14 -16.19
C MET D 85 -4.37 11.58 -15.26
N ASP D 86 -5.63 11.64 -15.70
CA ASP D 86 -6.73 11.10 -14.88
C ASP D 86 -6.49 9.61 -14.61
N VAL D 87 -6.01 8.91 -15.63
CA VAL D 87 -5.74 7.49 -15.51
C VAL D 87 -4.54 7.24 -14.60
N VAL D 88 -3.47 8.00 -14.81
CA VAL D 88 -2.26 7.89 -14.01
C VAL D 88 -2.56 8.14 -12.53
N TYR D 89 -3.39 9.14 -12.23
CA TYR D 89 -3.73 9.43 -10.85
C TYR D 89 -4.62 8.33 -10.29
N ALA D 90 -5.47 7.75 -11.12
CA ALA D 90 -6.34 6.68 -10.64
C ALA D 90 -5.50 5.44 -10.32
N LEU D 91 -4.55 5.14 -11.19
CA LEU D 91 -3.68 3.99 -11.02
C LEU D 91 -2.82 4.18 -9.77
N LYS D 92 -2.35 5.40 -9.57
CA LYS D 92 -1.54 5.68 -8.39
C LYS D 92 -2.33 5.44 -7.11
N ARG D 93 -3.56 5.94 -7.04
CA ARG D 93 -4.33 5.75 -5.83
C ARG D 93 -4.74 4.30 -5.63
N GLN D 94 -4.80 3.51 -6.71
CA GLN D 94 -5.14 2.09 -6.60
C GLN D 94 -3.86 1.32 -6.24
N GLY D 95 -2.77 2.05 -6.03
CA GLY D 95 -1.49 1.42 -5.71
C GLY D 95 -0.83 0.72 -6.89
N ARG D 96 -1.12 1.18 -8.12
CA ARG D 96 -0.52 0.58 -9.31
C ARG D 96 0.13 1.68 -10.16
N THR D 97 0.98 2.48 -9.51
CA THR D 97 1.71 3.55 -10.15
C THR D 97 2.23 3.12 -11.51
N LEU D 98 2.09 4.01 -12.49
CA LEU D 98 2.53 3.74 -13.85
C LEU D 98 3.45 4.86 -14.31
N TYR D 99 4.50 4.48 -15.01
CA TYR D 99 5.46 5.44 -15.52
C TYR D 99 5.40 5.53 -17.04
N GLY D 100 5.57 6.76 -17.54
CA GLY D 100 5.58 6.95 -18.99
C GLY D 100 4.44 7.69 -19.64
N PHE D 101 3.54 8.26 -18.84
CA PHE D 101 2.39 8.98 -19.39
C PHE D 101 2.12 10.27 -18.65
N GLY D 102 3.16 10.89 -18.11
CA GLY D 102 2.98 12.13 -17.39
C GLY D 102 3.18 12.01 -15.90
N GLY D 103 3.41 10.78 -15.44
CA GLY D 103 3.63 10.52 -14.02
C GLY D 103 4.44 11.57 -13.29
N ALA E 14 -24.30 33.77 20.88
CA ALA E 14 -23.28 33.12 20.00
C ALA E 14 -23.47 31.60 20.00
N LYS E 15 -23.34 31.01 18.81
CA LYS E 15 -23.50 29.57 18.67
C LYS E 15 -22.36 28.96 17.87
N THR E 16 -22.14 27.67 18.06
CA THR E 16 -21.06 26.97 17.36
C THR E 16 -21.39 26.67 15.91
N ARG E 17 -20.35 26.54 15.10
CA ARG E 17 -20.55 26.25 13.68
C ARG E 17 -21.13 24.84 13.56
N SER E 18 -20.86 24.01 14.55
CA SER E 18 -21.39 22.65 14.55
C SER E 18 -22.93 22.68 14.69
N SER E 19 -23.45 23.43 15.66
CA SER E 19 -24.91 23.51 15.82
C SER E 19 -25.54 24.13 14.58
N ARG E 20 -24.88 25.11 14.00
CA ARG E 20 -25.39 25.74 12.77
C ARG E 20 -25.47 24.68 11.67
N ALA E 21 -24.52 23.74 11.67
CA ALA E 21 -24.52 22.68 10.66
C ALA E 21 -25.34 21.47 11.11
N GLY E 22 -25.81 21.50 12.36
CA GLY E 22 -26.60 20.39 12.88
C GLY E 22 -25.74 19.15 13.11
N LEU E 23 -24.54 19.38 13.63
CA LEU E 23 -23.57 18.31 13.87
C LEU E 23 -23.07 18.15 15.28
N GLN E 24 -22.76 16.90 15.65
CA GLN E 24 -22.20 16.58 16.95
C GLN E 24 -20.68 16.82 16.92
N PHE E 25 -20.02 16.40 15.83
CA PHE E 25 -18.58 16.59 15.67
C PHE E 25 -18.19 18.07 15.56
N PRO E 26 -17.01 18.43 16.08
CA PRO E 26 -16.42 19.77 16.13
C PRO E 26 -15.93 20.41 14.84
N VAL E 27 -16.75 21.27 14.26
CA VAL E 27 -16.41 21.94 13.01
C VAL E 27 -15.21 22.88 13.18
N GLY E 28 -15.11 23.54 14.33
CA GLY E 28 -14.00 24.44 14.57
C GLY E 28 -12.68 23.70 14.62
N ARG E 29 -12.67 22.56 15.31
CA ARG E 29 -11.46 21.76 15.42
C ARG E 29 -11.05 21.21 14.06
N VAL E 30 -12.00 20.65 13.32
CA VAL E 30 -11.72 20.10 12.00
C VAL E 30 -11.12 21.16 11.07
N HIS E 31 -11.71 22.35 11.06
CA HIS E 31 -11.23 23.46 10.23
C HIS E 31 -9.81 23.84 10.64
N ARG E 32 -9.56 23.82 11.93
CA ARG E 32 -8.26 24.16 12.46
C ARG E 32 -7.23 23.09 12.09
N LEU E 33 -7.63 21.82 12.12
CA LEU E 33 -6.73 20.73 11.80
C LEU E 33 -6.42 20.69 10.32
N LEU E 34 -7.36 21.16 9.50
CA LEU E 34 -7.13 21.20 8.05
C LEU E 34 -6.08 22.25 7.71
N ARG E 35 -6.08 23.36 8.46
CA ARG E 35 -5.11 24.42 8.23
C ARG E 35 -3.72 23.99 8.68
N LYS E 36 -3.61 23.51 9.90
CA LYS E 36 -2.32 23.09 10.42
C LYS E 36 -1.66 21.98 9.61
N GLY E 37 -2.45 21.21 8.89
CA GLY E 37 -1.91 20.11 8.11
C GLY E 37 -1.23 20.50 6.81
N CYS E 38 -1.51 21.71 6.32
CA CYS E 38 -0.91 22.19 5.07
C CYS E 38 -1.31 21.25 3.93
N TYR E 39 -2.62 21.19 3.64
CA TYR E 39 -3.14 20.33 2.59
C TYR E 39 -3.36 21.19 1.35
N ALA E 40 -3.34 22.50 1.58
CA ALA E 40 -3.51 23.51 0.55
C ALA E 40 -3.30 24.82 1.27
N GLU E 41 -3.14 25.90 0.52
CA GLU E 41 -2.93 27.21 1.12
C GLU E 41 -4.19 27.74 1.80
N ARG E 42 -5.32 27.61 1.11
CA ARG E 42 -6.59 28.08 1.65
C ARG E 42 -7.55 26.93 1.92
N VAL E 43 -8.46 27.14 2.85
CA VAL E 43 -9.47 26.17 3.21
C VAL E 43 -10.83 26.85 3.29
N GLY E 44 -11.71 26.52 2.35
CA GLY E 44 -13.04 27.11 2.35
C GLY E 44 -13.87 26.76 3.58
N ALA E 45 -14.83 27.63 3.90
CA ALA E 45 -15.70 27.46 5.06
C ALA E 45 -16.54 26.17 5.06
N GLY E 46 -16.91 25.71 3.87
CA GLY E 46 -17.70 24.50 3.75
C GLY E 46 -16.93 23.19 3.95
N ALA E 47 -15.63 23.18 3.64
CA ALA E 47 -14.83 21.98 3.77
C ALA E 47 -14.84 21.37 5.17
N PRO E 48 -14.59 22.17 6.22
CA PRO E 48 -14.63 21.53 7.53
C PRO E 48 -16.03 21.03 7.89
N VAL E 49 -17.06 21.73 7.43
CA VAL E 49 -18.43 21.29 7.71
C VAL E 49 -18.70 19.93 7.06
N TYR E 50 -18.36 19.82 5.79
CA TYR E 50 -18.58 18.57 5.05
C TYR E 50 -17.73 17.43 5.65
N LEU E 51 -16.48 17.72 6.01
CA LEU E 51 -15.60 16.69 6.55
C LEU E 51 -16.06 16.26 7.93
N ALA E 52 -16.43 17.23 8.76
CA ALA E 52 -16.93 16.91 10.10
C ALA E 52 -18.15 15.97 10.01
N ALA E 53 -19.04 16.26 9.06
CA ALA E 53 -20.25 15.45 8.87
C ALA E 53 -19.93 14.05 8.35
N VAL E 54 -18.96 13.94 7.45
CA VAL E 54 -18.61 12.62 6.96
C VAL E 54 -18.03 11.77 8.10
N LEU E 55 -17.16 12.38 8.90
CA LEU E 55 -16.52 11.69 10.02
C LEU E 55 -17.55 11.29 11.07
N GLU E 56 -18.52 12.17 11.29
CA GLU E 56 -19.58 11.89 12.27
C GLU E 56 -20.40 10.70 11.75
N TYR E 57 -20.71 10.70 10.46
CA TYR E 57 -21.48 9.62 9.87
C TYR E 57 -20.77 8.26 9.97
N LEU E 58 -19.50 8.21 9.56
CA LEU E 58 -18.75 6.95 9.63
C LEU E 58 -18.68 6.45 11.07
N THR E 59 -18.49 7.37 12.01
CA THR E 59 -18.45 6.99 13.42
C THR E 59 -19.78 6.37 13.82
N ALA E 60 -20.86 7.00 13.41
CA ALA E 60 -22.20 6.51 13.75
C ALA E 60 -22.41 5.12 13.17
N GLU E 61 -21.95 4.91 11.94
CA GLU E 61 -22.11 3.61 11.30
C GLU E 61 -21.35 2.48 12.01
N ILE E 62 -20.13 2.72 12.47
CA ILE E 62 -19.43 1.63 13.12
C ILE E 62 -19.97 1.42 14.53
N LEU E 63 -20.37 2.52 15.21
CA LEU E 63 -20.91 2.37 16.58
C LEU E 63 -22.24 1.63 16.57
N GLU E 64 -23.01 1.84 15.51
CA GLU E 64 -24.28 1.16 15.38
C GLU E 64 -24.02 -0.34 15.33
N LEU E 65 -23.18 -0.77 14.38
CA LEU E 65 -22.87 -2.18 14.21
C LEU E 65 -22.14 -2.79 15.40
N ALA E 66 -21.27 -2.00 16.02
CA ALA E 66 -20.50 -2.48 17.15
C ALA E 66 -21.41 -2.66 18.36
N GLY E 67 -22.28 -1.67 18.59
CA GLY E 67 -23.23 -1.77 19.69
C GLY E 67 -24.07 -3.03 19.55
N ASN E 68 -24.45 -3.37 18.31
CA ASN E 68 -25.25 -4.58 18.08
C ASN E 68 -24.43 -5.85 18.39
N ALA E 69 -23.17 -5.88 17.96
CA ALA E 69 -22.32 -7.05 18.24
C ALA E 69 -22.22 -7.26 19.76
N ALA E 70 -22.05 -6.16 20.48
CA ALA E 70 -21.96 -6.24 21.93
C ALA E 70 -23.27 -6.83 22.46
N ARG E 71 -24.40 -6.39 21.91
CA ARG E 71 -25.70 -6.89 22.36
C ARG E 71 -25.85 -8.38 22.07
N ASP E 72 -25.32 -8.82 20.93
CA ASP E 72 -25.40 -10.24 20.59
C ASP E 72 -24.55 -11.08 21.55
N ASN E 73 -23.56 -10.47 22.20
CA ASN E 73 -22.71 -11.19 23.15
C ASN E 73 -23.15 -10.89 24.58
N LYS E 74 -24.35 -10.38 24.72
CA LYS E 74 -24.90 -10.05 26.03
C LYS E 74 -23.98 -9.14 26.83
N LYS E 75 -23.54 -8.05 26.20
CA LYS E 75 -22.69 -7.07 26.85
C LYS E 75 -23.28 -5.69 26.62
N THR E 76 -23.08 -4.79 27.57
CA THR E 76 -23.59 -3.44 27.44
C THR E 76 -22.43 -2.50 27.17
N ARG E 77 -21.21 -3.02 27.31
CA ARG E 77 -20.02 -2.22 27.05
C ARG E 77 -19.25 -2.64 25.80
N ILE E 78 -19.25 -1.75 24.81
CA ILE E 78 -18.51 -2.00 23.57
C ILE E 78 -17.00 -2.12 23.89
N ILE E 79 -16.38 -3.19 23.42
CA ILE E 79 -14.94 -3.38 23.59
C ILE E 79 -14.32 -3.57 22.19
N PRO E 80 -12.98 -3.66 22.08
CA PRO E 80 -12.31 -3.84 20.78
C PRO E 80 -12.87 -4.97 19.94
N ARG E 81 -13.05 -6.13 20.56
CA ARG E 81 -13.62 -7.26 19.88
C ARG E 81 -14.93 -6.90 19.13
N HIS E 82 -15.79 -6.10 19.76
CA HIS E 82 -17.06 -5.71 19.12
C HIS E 82 -16.80 -4.82 17.91
N LEU E 83 -15.83 -3.92 18.03
CA LEU E 83 -15.48 -3.07 16.91
C LEU E 83 -14.97 -3.93 15.74
N GLN E 84 -14.21 -4.98 16.07
CA GLN E 84 -13.66 -5.87 15.05
C GLN E 84 -14.77 -6.67 14.35
N LEU E 85 -15.67 -7.24 15.14
CA LEU E 85 -16.80 -8.00 14.61
C LEU E 85 -17.66 -7.12 13.70
N ALA E 86 -17.83 -5.87 14.09
CA ALA E 86 -18.64 -4.94 13.34
C ALA E 86 -18.01 -4.67 12.00
N VAL E 87 -16.71 -4.44 12.03
CA VAL E 87 -15.96 -4.13 10.84
C VAL E 87 -15.79 -5.31 9.90
N ARG E 88 -15.38 -6.46 10.41
CA ARG E 88 -15.15 -7.59 9.53
C ARG E 88 -16.41 -8.19 8.95
N ASN E 89 -17.53 -8.07 9.66
CA ASN E 89 -18.80 -8.59 9.16
C ASN E 89 -19.51 -7.66 8.17
N ASP E 90 -19.04 -6.43 8.04
CA ASP E 90 -19.65 -5.48 7.08
C ASP E 90 -18.71 -5.32 5.89
N GLU E 91 -19.16 -5.77 4.73
CA GLU E 91 -18.36 -5.72 3.53
C GLU E 91 -17.66 -4.39 3.22
N GLU E 92 -18.37 -3.27 3.37
CA GLU E 92 -17.77 -1.98 3.06
C GLU E 92 -16.81 -1.46 4.09
N LEU E 93 -17.13 -1.62 5.37
CA LEU E 93 -16.22 -1.17 6.39
C LEU E 93 -14.98 -2.07 6.33
N ASN E 94 -15.18 -3.37 6.12
CA ASN E 94 -14.07 -4.29 6.03
C ASN E 94 -13.09 -3.85 4.96
N LYS E 95 -13.62 -3.41 3.83
CA LYS E 95 -12.77 -2.92 2.75
C LYS E 95 -12.13 -1.57 3.09
N LEU E 96 -12.90 -0.64 3.66
CA LEU E 96 -12.33 0.67 4.02
C LEU E 96 -11.16 0.48 5.00
N LEU E 97 -11.24 -0.58 5.81
CA LEU E 97 -10.19 -0.88 6.80
C LEU E 97 -9.44 -2.19 6.47
N GLY E 98 -9.24 -2.47 5.18
CA GLY E 98 -8.58 -3.71 4.79
C GLY E 98 -7.11 -3.84 5.20
N ARG E 99 -6.44 -2.72 5.37
CA ARG E 99 -5.04 -2.69 5.75
C ARG E 99 -4.91 -2.21 7.19
N VAL E 100 -5.99 -2.32 7.96
CA VAL E 100 -5.95 -1.88 9.34
C VAL E 100 -6.03 -3.02 10.33
N THR E 101 -5.34 -2.88 11.45
CA THR E 101 -5.36 -3.90 12.50
C THR E 101 -5.93 -3.29 13.77
N ILE E 102 -6.99 -3.90 14.27
CA ILE E 102 -7.67 -3.47 15.49
C ILE E 102 -7.10 -4.29 16.64
N ALA E 103 -6.34 -3.66 17.51
CA ALA E 103 -5.75 -4.40 18.62
C ALA E 103 -6.84 -4.98 19.49
N GLN E 104 -6.58 -6.20 20.00
CA GLN E 104 -7.50 -6.94 20.86
C GLN E 104 -8.82 -7.22 20.14
N GLY E 105 -8.76 -7.19 18.81
CA GLY E 105 -9.96 -7.47 18.04
C GLY E 105 -10.17 -8.94 17.71
N GLY E 106 -9.06 -9.68 17.66
CA GLY E 106 -9.12 -11.10 17.32
C GLY E 106 -9.59 -11.26 15.88
N VAL E 107 -10.10 -12.44 15.57
CA VAL E 107 -10.57 -12.72 14.23
C VAL E 107 -12.00 -13.28 14.19
N LEU E 108 -12.54 -13.37 12.98
CA LEU E 108 -13.88 -13.91 12.81
C LEU E 108 -13.85 -15.44 12.87
N PRO E 109 -14.80 -16.04 13.60
CA PRO E 109 -14.83 -17.51 13.68
C PRO E 109 -14.97 -17.99 12.23
N ASN E 110 -14.02 -18.79 11.75
CA ASN E 110 -14.07 -19.25 10.37
C ASN E 110 -13.16 -20.46 10.12
N ILE E 111 -13.78 -21.60 9.81
CA ILE E 111 -13.09 -22.86 9.57
C ILE E 111 -13.39 -23.37 8.15
N GLN E 112 -12.35 -23.69 7.39
CA GLN E 112 -12.53 -24.22 6.03
C GLN E 112 -13.23 -25.58 6.09
N SER E 113 -14.20 -25.78 5.20
CA SER E 113 -15.00 -27.02 5.12
C SER E 113 -14.23 -28.34 5.07
N VAL E 114 -13.21 -28.41 4.22
CA VAL E 114 -12.42 -29.63 4.09
C VAL E 114 -11.79 -30.07 5.40
N LEU E 115 -11.80 -29.17 6.38
CA LEU E 115 -11.20 -29.47 7.69
C LEU E 115 -12.19 -30.06 8.70
N LEU E 116 -13.47 -30.04 8.37
CA LEU E 116 -14.50 -30.60 9.27
C LEU E 116 -14.51 -32.13 9.18
N PRO E 117 -14.79 -32.80 10.32
CA PRO E 117 -14.84 -34.28 10.38
C PRO E 117 -15.86 -34.95 9.46
N LYS E 118 -15.67 -36.26 9.27
CA LYS E 118 -16.52 -37.11 8.44
C LYS E 118 -16.98 -36.42 7.17
N THR F 29 0.87 19.36 29.02
CA THR F 29 0.36 19.86 27.71
C THR F 29 -0.93 19.12 27.37
N ARG F 30 -1.86 19.80 26.73
CA ARG F 30 -3.13 19.20 26.37
C ARG F 30 -3.12 18.41 25.07
N LYS F 31 -3.67 17.20 25.13
CA LYS F 31 -3.76 16.34 23.96
C LYS F 31 -5.24 16.18 23.61
N GLU F 32 -5.62 16.63 22.42
CA GLU F 32 -7.00 16.54 21.98
C GLU F 32 -7.33 15.18 21.40
N SER F 33 -8.59 14.79 21.56
CA SER F 33 -9.09 13.53 21.00
C SER F 33 -10.57 13.75 20.69
N TYR F 34 -11.12 12.90 19.84
CA TYR F 34 -12.51 12.99 19.45
C TYR F 34 -13.45 12.26 20.41
N ALA F 35 -12.92 11.80 21.53
CA ALA F 35 -13.70 11.02 22.49
C ALA F 35 -15.06 11.57 22.97
N ILE F 36 -15.13 12.82 23.40
CA ILE F 36 -16.43 13.34 23.86
C ILE F 36 -17.45 13.33 22.72
N TYR F 37 -16.97 13.54 21.50
CA TYR F 37 -17.85 13.55 20.33
C TYR F 37 -18.29 12.15 19.94
N VAL F 38 -17.36 11.21 19.99
CA VAL F 38 -17.66 9.83 19.66
C VAL F 38 -18.72 9.36 20.66
N TYR F 39 -18.55 9.77 21.92
CA TYR F 39 -19.47 9.40 22.98
C TYR F 39 -20.90 9.95 22.71
N LYS F 40 -21.01 11.16 22.18
CA LYS F 40 -22.32 11.75 21.89
C LYS F 40 -23.03 10.93 20.82
N VAL F 41 -22.32 10.61 19.75
CA VAL F 41 -22.88 9.82 18.67
C VAL F 41 -23.26 8.43 19.20
N LEU F 42 -22.44 7.86 20.07
CA LEU F 42 -22.76 6.54 20.62
C LEU F 42 -24.09 6.59 21.39
N LYS F 43 -24.28 7.61 22.22
CA LYS F 43 -25.51 7.74 23.00
C LYS F 43 -26.69 7.94 22.09
N GLN F 44 -26.45 8.52 20.92
CA GLN F 44 -27.54 8.74 19.96
C GLN F 44 -28.04 7.44 19.30
N VAL F 45 -27.12 6.51 19.02
CA VAL F 45 -27.47 5.23 18.37
C VAL F 45 -27.75 4.09 19.34
N HIS F 46 -27.18 4.21 20.54
CA HIS F 46 -27.34 3.17 21.57
C HIS F 46 -27.27 3.82 22.94
N PRO F 47 -28.34 4.54 23.31
CA PRO F 47 -28.45 5.25 24.59
C PRO F 47 -28.08 4.47 25.84
N ASP F 48 -28.16 3.15 25.79
CA ASP F 48 -27.82 2.33 26.96
C ASP F 48 -26.53 1.51 26.86
N THR F 49 -25.68 1.86 25.89
CA THR F 49 -24.42 1.15 25.69
C THR F 49 -23.24 2.06 26.01
N GLY F 50 -22.27 1.51 26.74
CA GLY F 50 -21.07 2.28 27.05
C GLY F 50 -19.93 1.86 26.12
N ILE F 51 -18.74 2.39 26.36
CA ILE F 51 -17.60 2.01 25.53
C ILE F 51 -16.32 1.99 26.36
N SER F 52 -15.59 0.89 26.29
CA SER F 52 -14.34 0.77 27.04
C SER F 52 -13.30 1.78 26.57
N SER F 53 -12.38 2.13 27.46
CA SER F 53 -11.30 3.07 27.17
C SER F 53 -10.49 2.63 25.94
N LYS F 54 -10.26 1.32 25.82
CA LYS F 54 -9.52 0.77 24.69
C LYS F 54 -10.32 0.91 23.38
N ALA F 55 -11.62 0.66 23.44
CA ALA F 55 -12.47 0.78 22.25
C ALA F 55 -12.50 2.22 21.81
N MET F 56 -12.55 3.12 22.78
CA MET F 56 -12.59 4.55 22.51
C MET F 56 -11.28 4.97 21.85
N SER F 57 -10.18 4.37 22.28
CA SER F 57 -8.89 4.72 21.67
C SER F 57 -8.91 4.25 20.22
N ILE F 58 -9.44 3.04 20.00
CA ILE F 58 -9.57 2.54 18.64
C ILE F 58 -10.38 3.57 17.81
N MET F 59 -11.49 4.07 18.38
CA MET F 59 -12.35 5.03 17.66
C MET F 59 -11.66 6.33 17.35
N ASN F 60 -10.87 6.80 18.30
CA ASN F 60 -10.18 8.07 18.08
C ASN F 60 -9.18 7.94 16.95
N SER F 61 -8.47 6.82 16.90
CA SER F 61 -7.50 6.65 15.81
C SER F 61 -8.20 6.35 14.46
N PHE F 62 -9.38 5.75 14.49
CA PHE F 62 -10.12 5.50 13.26
C PHE F 62 -10.52 6.85 12.67
N VAL F 63 -11.02 7.74 13.53
CA VAL F 63 -11.43 9.07 13.08
C VAL F 63 -10.23 9.86 12.55
N ASN F 64 -9.11 9.79 13.26
CA ASN F 64 -7.90 10.50 12.82
C ASN F 64 -7.42 9.97 11.49
N ASP F 65 -7.48 8.65 11.34
CA ASP F 65 -7.08 8.00 10.11
C ASP F 65 -7.94 8.44 8.92
N VAL F 66 -9.27 8.28 8.98
CA VAL F 66 -10.13 8.70 7.87
C VAL F 66 -9.95 10.19 7.51
N PHE F 67 -9.78 11.03 8.54
CA PHE F 67 -9.57 12.44 8.33
C PHE F 67 -8.34 12.64 7.45
N GLU F 68 -7.23 12.01 7.83
CA GLU F 68 -5.99 12.14 7.08
C GLU F 68 -6.16 11.68 5.64
N ARG F 69 -6.80 10.53 5.45
CA ARG F 69 -6.98 10.02 4.10
C ARG F 69 -7.79 10.98 3.24
N ILE F 70 -8.92 11.45 3.77
CA ILE F 70 -9.77 12.39 3.02
C ILE F 70 -9.01 13.69 2.77
N ALA F 71 -8.37 14.24 3.81
CA ALA F 71 -7.65 15.50 3.63
C ALA F 71 -6.53 15.36 2.59
N GLY F 72 -5.80 14.24 2.63
CA GLY F 72 -4.73 14.00 1.69
C GLY F 72 -5.25 13.93 0.27
N GLU F 73 -6.29 13.14 0.04
CA GLU F 73 -6.86 13.01 -1.29
C GLU F 73 -7.34 14.39 -1.79
N ALA F 74 -7.96 15.18 -0.90
CA ALA F 74 -8.46 16.50 -1.27
C ALA F 74 -7.27 17.39 -1.65
N SER F 75 -6.19 17.25 -0.88
CA SER F 75 -4.97 17.99 -1.09
C SER F 75 -4.45 17.75 -2.51
N ARG F 76 -4.33 16.47 -2.87
CA ARG F 76 -3.87 16.08 -4.19
C ARG F 76 -4.82 16.61 -5.25
N LEU F 77 -6.13 16.47 -5.01
CA LEU F 77 -7.11 16.96 -5.96
C LEU F 77 -6.88 18.43 -6.29
N ALA F 78 -6.70 19.24 -5.25
CA ALA F 78 -6.46 20.66 -5.45
C ALA F 78 -5.20 20.87 -6.29
N HIS F 79 -4.12 20.15 -5.97
CA HIS F 79 -2.89 20.30 -6.73
C HIS F 79 -3.06 19.88 -8.17
N TYR F 80 -3.67 18.71 -8.41
CA TYR F 80 -3.87 18.25 -9.78
C TYR F 80 -4.59 19.29 -10.65
N ASN F 81 -5.51 20.04 -10.05
CA ASN F 81 -6.27 21.04 -10.79
C ASN F 81 -5.77 22.46 -10.56
N LYS F 82 -4.55 22.59 -10.07
CA LYS F 82 -3.92 23.89 -9.81
C LYS F 82 -4.78 24.88 -9.02
N ARG F 83 -5.44 24.37 -7.99
CA ARG F 83 -6.27 25.20 -7.12
C ARG F 83 -5.52 25.27 -5.81
N SER F 84 -5.56 26.43 -5.16
CA SER F 84 -4.89 26.57 -3.88
C SER F 84 -5.88 26.45 -2.73
N THR F 85 -7.14 26.21 -3.07
CA THR F 85 -8.18 26.10 -2.05
C THR F 85 -8.85 24.73 -1.99
N ILE F 86 -9.05 24.23 -0.77
CA ILE F 86 -9.73 22.97 -0.54
C ILE F 86 -11.15 23.36 -0.14
N THR F 87 -12.11 23.07 -1.00
CA THR F 87 -13.49 23.39 -0.70
C THR F 87 -14.30 22.12 -0.41
N SER F 88 -15.56 22.32 -0.06
CA SER F 88 -16.44 21.20 0.22
C SER F 88 -16.45 20.28 -1.01
N ARG F 89 -16.29 20.88 -2.19
CA ARG F 89 -16.28 20.13 -3.43
C ARG F 89 -15.08 19.14 -3.51
N GLU F 90 -13.91 19.55 -3.02
CA GLU F 90 -12.75 18.66 -3.04
C GLU F 90 -13.01 17.53 -2.04
N ILE F 91 -13.53 17.89 -0.88
CA ILE F 91 -13.82 16.90 0.13
C ILE F 91 -14.81 15.88 -0.40
N GLN F 92 -15.82 16.35 -1.14
CA GLN F 92 -16.82 15.45 -1.69
C GLN F 92 -16.17 14.46 -2.65
N THR F 93 -15.36 14.96 -3.58
CA THR F 93 -14.71 14.07 -4.52
C THR F 93 -13.76 13.11 -3.77
N ALA F 94 -13.07 13.60 -2.75
CA ALA F 94 -12.17 12.75 -1.99
C ALA F 94 -12.99 11.62 -1.40
N VAL F 95 -14.17 11.96 -0.87
CA VAL F 95 -15.04 10.97 -0.28
C VAL F 95 -15.51 9.92 -1.30
N ARG F 96 -15.81 10.33 -2.53
CA ARG F 96 -16.24 9.36 -3.53
C ARG F 96 -15.08 8.46 -3.93
N LEU F 97 -13.88 9.04 -3.97
CA LEU F 97 -12.68 8.30 -4.31
C LEU F 97 -12.27 7.32 -3.22
N LEU F 98 -12.44 7.72 -1.96
CA LEU F 98 -12.02 6.92 -0.84
C LEU F 98 -12.96 5.84 -0.27
N LEU F 99 -14.23 6.17 -0.10
CA LEU F 99 -15.16 5.20 0.47
C LEU F 99 -15.80 4.33 -0.60
N PRO F 100 -16.14 3.10 -0.24
CA PRO F 100 -16.76 2.19 -1.20
C PRO F 100 -18.29 2.33 -1.30
N GLY F 101 -18.79 2.08 -2.51
CA GLY F 101 -20.21 2.12 -2.80
C GLY F 101 -21.18 2.91 -1.95
N GLU F 102 -21.89 2.21 -1.08
CA GLU F 102 -22.88 2.82 -0.22
C GLU F 102 -22.37 3.81 0.81
N LEU F 103 -21.28 3.47 1.50
CA LEU F 103 -20.73 4.39 2.50
C LEU F 103 -20.56 5.78 1.86
N ALA F 104 -20.10 5.81 0.61
CA ALA F 104 -19.89 7.06 -0.11
C ALA F 104 -21.22 7.79 -0.30
N LYS F 105 -22.20 7.09 -0.89
CA LYS F 105 -23.51 7.66 -1.14
C LYS F 105 -24.07 8.32 0.11
N HIS F 106 -23.99 7.63 1.23
CA HIS F 106 -24.51 8.17 2.47
C HIS F 106 -23.63 9.27 3.06
N ALA F 107 -22.32 9.09 3.01
CA ALA F 107 -21.44 10.12 3.54
C ALA F 107 -21.67 11.39 2.71
N VAL F 108 -21.65 11.25 1.40
CA VAL F 108 -21.86 12.38 0.49
C VAL F 108 -23.15 13.13 0.81
N SER F 109 -24.25 12.40 0.92
CA SER F 109 -25.54 13.02 1.22
C SER F 109 -25.51 13.74 2.57
N GLU F 110 -24.99 13.08 3.59
CA GLU F 110 -24.91 13.68 4.92
C GLU F 110 -24.03 14.94 4.90
N GLY F 111 -23.01 14.92 4.05
CA GLY F 111 -22.11 16.06 3.94
C GLY F 111 -22.72 17.28 3.27
N THR F 112 -23.30 17.09 2.10
CA THR F 112 -23.91 18.23 1.41
C THR F 112 -25.05 18.80 2.26
N LYS F 113 -25.85 17.93 2.87
CA LYS F 113 -26.94 18.39 3.73
C LYS F 113 -26.40 19.34 4.80
N ALA F 114 -25.35 18.94 5.50
CA ALA F 114 -24.76 19.76 6.55
C ALA F 114 -24.20 21.07 6.01
N VAL F 115 -23.71 21.08 4.78
CA VAL F 115 -23.16 22.32 4.21
C VAL F 115 -24.32 23.26 3.88
N THR F 116 -25.34 22.72 3.22
CA THR F 116 -26.55 23.48 2.89
C THR F 116 -27.17 24.09 4.16
N LYS F 117 -27.27 23.32 5.24
CA LYS F 117 -27.85 23.84 6.47
C LYS F 117 -26.95 24.91 7.08
N TYR F 118 -25.65 24.77 6.91
CA TYR F 118 -24.69 25.73 7.46
C TYR F 118 -24.75 27.08 6.75
N THR F 119 -24.92 27.03 5.43
CA THR F 119 -24.97 28.24 4.63
C THR F 119 -26.30 28.99 4.76
N SER F 120 -27.31 28.33 5.28
CA SER F 120 -28.62 28.95 5.45
C SER F 120 -28.75 29.61 6.82
N ALA F 121 -27.61 29.90 7.45
CA ALA F 121 -27.61 30.54 8.76
C ALA F 121 -27.01 31.94 8.71
N LYS F 122 -27.29 32.73 9.76
CA LYS F 122 -26.83 34.10 9.90
C LYS F 122 -27.44 35.06 8.87
N LYS G 37 -8.22 -48.91 29.32
CA LYS G 37 -9.00 -48.41 28.15
C LYS G 37 -9.38 -46.94 28.32
N PRO G 38 -8.39 -46.08 28.62
CA PRO G 38 -8.66 -44.65 28.79
C PRO G 38 -9.32 -44.06 27.56
N HIS G 39 -9.99 -42.92 27.74
CA HIS G 39 -10.67 -42.25 26.65
C HIS G 39 -9.66 -41.41 25.84
N ARG G 40 -9.71 -41.54 24.51
CA ARG G 40 -8.82 -40.78 23.62
C ARG G 40 -9.59 -40.16 22.48
N TYR G 41 -9.54 -38.84 22.35
CA TYR G 41 -10.21 -38.18 21.24
C TYR G 41 -9.41 -38.54 20.00
N ARG G 42 -10.06 -38.59 18.84
CA ARG G 42 -9.32 -38.94 17.63
C ARG G 42 -8.45 -37.79 17.14
N PRO G 43 -7.41 -38.11 16.37
CA PRO G 43 -6.52 -37.08 15.83
C PRO G 43 -7.34 -36.04 15.06
N GLY G 44 -7.21 -34.76 15.42
CA GLY G 44 -7.96 -33.74 14.71
C GLY G 44 -9.14 -33.15 15.46
N THR G 45 -9.70 -33.93 16.37
CA THR G 45 -10.83 -33.46 17.15
C THR G 45 -10.42 -32.34 18.09
N VAL G 46 -9.29 -32.50 18.77
CA VAL G 46 -8.82 -31.48 19.70
C VAL G 46 -8.31 -30.25 18.95
N ALA G 47 -7.74 -30.47 17.75
CA ALA G 47 -7.25 -29.38 16.92
C ALA G 47 -8.43 -28.46 16.54
N LEU G 48 -9.56 -29.07 16.15
CA LEU G 48 -10.77 -28.31 15.79
C LEU G 48 -11.33 -27.60 17.00
N ARG G 49 -11.26 -28.25 18.17
CA ARG G 49 -11.74 -27.63 19.38
C ARG G 49 -10.90 -26.38 19.68
N GLU G 50 -9.59 -26.48 19.42
CA GLU G 50 -8.68 -25.36 19.65
C GLU G 50 -8.93 -24.18 18.69
N ILE G 51 -9.16 -24.51 17.41
CA ILE G 51 -9.44 -23.49 16.43
C ILE G 51 -10.65 -22.64 16.89
N ARG G 52 -11.74 -23.31 17.28
CA ARG G 52 -12.94 -22.60 17.74
C ARG G 52 -12.66 -21.77 18.97
N ARG G 53 -11.90 -22.35 19.89
CA ARG G 53 -11.56 -21.67 21.11
C ARG G 53 -10.75 -20.38 20.84
N TYR G 54 -9.71 -20.51 20.04
CA TYR G 54 -8.85 -19.38 19.73
C TYR G 54 -9.44 -18.34 18.79
N GLN G 55 -10.35 -18.76 17.92
CA GLN G 55 -10.99 -17.82 17.02
C GLN G 55 -12.08 -17.06 17.77
N LYS G 56 -12.41 -17.53 18.96
CA LYS G 56 -13.44 -16.90 19.76
C LYS G 56 -12.84 -15.88 20.73
N SER G 57 -11.55 -15.99 21.00
CA SER G 57 -10.90 -15.07 21.94
C SER G 57 -9.99 -14.05 21.27
N THR G 58 -9.57 -13.06 22.04
CA THR G 58 -8.71 -12.01 21.52
C THR G 58 -7.37 -11.84 22.26
N GLU G 59 -7.11 -12.69 23.25
CA GLU G 59 -5.87 -12.54 24.01
C GLU G 59 -4.64 -12.88 23.18
N LEU G 60 -3.51 -12.27 23.56
CA LEU G 60 -2.25 -12.53 22.89
C LEU G 60 -1.85 -14.00 23.14
N LEU G 61 -1.37 -14.66 22.11
CA LEU G 61 -1.00 -16.06 22.18
C LEU G 61 0.47 -16.39 22.46
N ILE G 62 1.35 -15.39 22.37
CA ILE G 62 2.76 -15.59 22.67
C ILE G 62 3.00 -15.03 24.09
N ARG G 63 3.74 -15.75 24.92
CA ARG G 63 4.03 -15.30 26.30
C ARG G 63 4.65 -13.89 26.23
N LYS G 64 4.23 -13.01 27.14
CA LYS G 64 4.72 -11.63 27.11
C LYS G 64 6.20 -11.37 27.33
N LEU G 65 6.75 -11.84 28.46
CA LEU G 65 8.16 -11.60 28.76
C LEU G 65 9.07 -12.15 27.66
N PRO G 66 8.83 -13.40 27.21
CA PRO G 66 9.69 -13.94 26.17
C PRO G 66 9.66 -13.05 24.92
N PHE G 67 8.47 -12.59 24.55
CA PHE G 67 8.35 -11.75 23.37
C PHE G 67 9.12 -10.44 23.57
N GLN G 68 9.02 -9.87 24.76
CA GLN G 68 9.71 -8.62 25.06
C GLN G 68 11.25 -8.77 24.97
N ARG G 69 11.77 -9.96 25.31
CA ARG G 69 13.21 -10.19 25.25
C ARG G 69 13.64 -10.22 23.81
N LEU G 70 12.81 -10.83 22.97
CA LEU G 70 13.10 -10.89 21.54
C LEU G 70 13.16 -9.46 20.97
N VAL G 71 12.20 -8.62 21.33
CA VAL G 71 12.21 -7.23 20.84
C VAL G 71 13.48 -6.49 21.30
N ARG G 72 13.84 -6.66 22.56
CA ARG G 72 15.02 -5.97 23.08
C ARG G 72 16.29 -6.48 22.41
N GLU G 73 16.36 -7.78 22.14
CA GLU G 73 17.52 -8.35 21.49
C GLU G 73 17.70 -7.78 20.08
N ILE G 74 16.62 -7.80 19.30
CA ILE G 74 16.67 -7.30 17.93
C ILE G 74 16.98 -5.79 17.88
N ALA G 75 16.31 -5.02 18.72
CA ALA G 75 16.52 -3.58 18.74
C ALA G 75 17.97 -3.26 19.12
N GLN G 76 18.48 -3.97 20.12
CA GLN G 76 19.83 -3.80 20.57
C GLN G 76 20.84 -4.04 19.46
N ASP G 77 20.55 -4.96 18.55
CA ASP G 77 21.49 -5.19 17.45
C ASP G 77 21.48 -4.04 16.43
N PHE G 78 20.44 -3.22 16.44
CA PHE G 78 20.38 -2.08 15.51
C PHE G 78 20.97 -0.86 16.21
N LYS G 79 20.67 -0.71 17.49
CA LYS G 79 21.16 0.42 18.24
C LYS G 79 21.24 0.07 19.72
N THR G 80 22.38 0.39 20.33
CA THR G 80 22.57 0.11 21.74
C THR G 80 21.99 1.19 22.65
N ASP G 81 21.69 0.81 23.88
CA ASP G 81 21.17 1.74 24.88
C ASP G 81 19.75 2.28 24.65
N LEU G 82 18.88 1.46 24.08
CA LEU G 82 17.50 1.87 23.84
C LEU G 82 16.60 1.39 24.98
N ARG G 83 15.63 2.22 25.33
CA ARG G 83 14.65 1.87 26.34
C ARG G 83 13.33 1.78 25.58
N PHE G 84 12.37 1.05 26.13
CA PHE G 84 11.08 0.89 25.48
C PHE G 84 9.93 1.22 26.39
N GLN G 85 8.94 1.93 25.89
CA GLN G 85 7.74 2.20 26.70
C GLN G 85 7.11 0.83 26.69
N SER G 86 6.43 0.45 27.77
CA SER G 86 5.81 -0.87 27.79
C SER G 86 4.74 -1.00 26.70
N SER G 87 4.04 0.10 26.40
CA SER G 87 3.02 0.07 25.37
C SER G 87 3.62 -0.07 23.97
N ALA G 88 4.91 0.25 23.83
CA ALA G 88 5.60 0.13 22.54
C ALA G 88 5.82 -1.33 22.24
N VAL G 89 6.16 -2.09 23.28
CA VAL G 89 6.38 -3.51 23.14
C VAL G 89 5.03 -4.18 22.85
N MET G 90 3.99 -3.78 23.58
CA MET G 90 2.65 -4.32 23.37
C MET G 90 2.14 -4.06 21.96
N ALA G 91 2.42 -2.86 21.44
CA ALA G 91 2.02 -2.52 20.07
C ALA G 91 2.73 -3.46 19.08
N LEU G 92 4.01 -3.71 19.32
CA LEU G 92 4.78 -4.60 18.45
C LEU G 92 4.19 -6.01 18.49
N GLN G 93 3.83 -6.46 19.67
CA GLN G 93 3.28 -7.80 19.82
C GLN G 93 1.92 -7.95 19.16
N GLU G 94 1.04 -6.95 19.30
CA GLU G 94 -0.30 -7.02 18.69
C GLU G 94 -0.13 -7.06 17.17
N ALA G 95 0.79 -6.24 16.67
CA ALA G 95 1.05 -6.21 15.23
C ALA G 95 1.62 -7.55 14.75
N SER G 96 2.57 -8.11 15.51
CA SER G 96 3.20 -9.37 15.10
C SER G 96 2.22 -10.52 15.13
N GLU G 97 1.39 -10.55 16.16
CA GLU G 97 0.41 -11.62 16.23
C GLU G 97 -0.66 -11.48 15.14
N ALA G 98 -1.07 -10.25 14.82
CA ALA G 98 -2.07 -10.06 13.75
C ALA G 98 -1.47 -10.50 12.45
N TYR G 99 -0.20 -10.16 12.24
CA TYR G 99 0.51 -10.52 11.02
C TYR G 99 0.65 -12.06 10.85
N LEU G 100 1.07 -12.75 11.91
CA LEU G 100 1.26 -14.20 11.82
C LEU G 100 -0.05 -14.94 11.60
N VAL G 101 -1.10 -14.53 12.32
CA VAL G 101 -2.39 -15.17 12.17
C VAL G 101 -2.90 -15.08 10.73
N ALA G 102 -2.85 -13.89 10.16
CA ALA G 102 -3.32 -13.68 8.80
C ALA G 102 -2.48 -14.49 7.83
N LEU G 103 -1.18 -14.55 8.08
CA LEU G 103 -0.29 -15.32 7.21
C LEU G 103 -0.68 -16.79 7.25
N PHE G 104 -1.00 -17.31 8.45
CA PHE G 104 -1.40 -18.71 8.57
C PHE G 104 -2.72 -18.98 7.85
N GLU G 105 -3.61 -17.98 7.77
CA GLU G 105 -4.87 -18.21 7.06
C GLU G 105 -4.50 -18.45 5.60
N ASP G 106 -3.68 -17.57 5.03
CA ASP G 106 -3.25 -17.68 3.64
C ASP G 106 -2.48 -18.98 3.37
N THR G 107 -1.61 -19.35 4.30
CA THR G 107 -0.82 -20.57 4.19
C THR G 107 -1.78 -21.76 4.17
N ASN G 108 -2.80 -21.69 5.02
CA ASN G 108 -3.78 -22.76 5.13
C ASN G 108 -4.47 -22.94 3.79
N LEU G 109 -4.76 -21.82 3.13
CA LEU G 109 -5.42 -21.85 1.83
C LEU G 109 -4.44 -22.42 0.78
N ALA G 110 -3.15 -22.17 0.97
CA ALA G 110 -2.17 -22.70 0.03
C ALA G 110 -2.07 -24.22 0.18
N ALA G 111 -2.17 -24.73 1.42
CA ALA G 111 -2.12 -26.17 1.66
C ALA G 111 -3.37 -26.84 1.09
N ILE G 112 -4.53 -26.30 1.42
CA ILE G 112 -5.79 -26.85 0.93
C ILE G 112 -5.81 -26.87 -0.61
N HIS G 113 -5.20 -25.88 -1.24
CA HIS G 113 -5.12 -25.79 -2.70
C HIS G 113 -4.33 -26.97 -3.25
N ALA G 114 -3.40 -27.46 -2.42
CA ALA G 114 -2.56 -28.59 -2.79
C ALA G 114 -3.19 -29.92 -2.34
N LYS G 115 -4.44 -29.86 -1.88
CA LYS G 115 -5.17 -31.02 -1.43
C LYS G 115 -4.64 -31.64 -0.13
N ARG G 116 -4.06 -30.81 0.72
CA ARG G 116 -3.52 -31.24 2.00
C ARG G 116 -4.28 -30.50 3.10
N VAL G 117 -4.06 -30.90 4.34
CA VAL G 117 -4.70 -30.25 5.46
C VAL G 117 -3.57 -29.94 6.43
N THR G 118 -2.36 -30.19 5.97
CA THR G 118 -1.17 -29.96 6.79
C THR G 118 -0.33 -28.86 6.19
N ILE G 119 -0.23 -27.73 6.89
CA ILE G 119 0.56 -26.64 6.35
C ILE G 119 2.05 -27.03 6.43
N MET G 120 2.79 -26.59 5.43
CA MET G 120 4.22 -26.87 5.33
C MET G 120 4.96 -25.59 4.93
N PRO G 121 6.30 -25.57 5.12
CA PRO G 121 7.07 -24.37 4.75
C PRO G 121 6.78 -23.87 3.32
N LYS G 122 6.61 -24.80 2.39
CA LYS G 122 6.33 -24.41 1.01
C LYS G 122 5.02 -23.62 0.88
N ASP G 123 4.08 -23.79 1.80
CA ASP G 123 2.83 -23.05 1.74
C ASP G 123 3.04 -21.60 2.22
N ILE G 124 3.83 -21.43 3.27
CA ILE G 124 4.12 -20.11 3.79
C ILE G 124 4.88 -19.34 2.72
N GLN G 125 5.81 -20.03 2.05
CA GLN G 125 6.62 -19.41 1.00
C GLN G 125 5.77 -19.04 -0.22
N LEU G 126 4.81 -19.89 -0.57
CA LEU G 126 3.95 -19.58 -1.71
C LEU G 126 3.12 -18.35 -1.35
N ALA G 127 2.62 -18.31 -0.12
CA ALA G 127 1.82 -17.19 0.33
C ALA G 127 2.62 -15.89 0.37
N ARG G 128 3.86 -15.97 0.82
CA ARG G 128 4.66 -14.76 0.89
C ARG G 128 5.08 -14.28 -0.49
N ARG G 129 5.30 -15.21 -1.41
CA ARG G 129 5.68 -14.80 -2.75
C ARG G 129 4.50 -14.13 -3.43
N ILE G 130 3.31 -14.70 -3.28
CA ILE G 130 2.15 -14.10 -3.93
C ILE G 130 1.79 -12.75 -3.31
N ARG G 131 1.94 -12.64 -1.99
CA ARG G 131 1.68 -11.39 -1.28
C ARG G 131 2.69 -10.30 -1.67
N GLY G 132 3.79 -10.71 -2.27
CA GLY G 132 4.80 -9.74 -2.65
C GLY G 132 5.72 -9.36 -1.51
N GLU G 133 6.22 -10.36 -0.79
CA GLU G 133 7.14 -10.15 0.32
C GLU G 133 8.44 -10.89 0.01
N ARG G 134 8.35 -11.89 -0.87
CA ARG G 134 9.51 -12.68 -1.26
C ARG G 134 9.87 -12.47 -2.73
N ALA G 135 10.77 -13.30 -3.24
CA ALA G 135 11.24 -13.23 -4.63
C ALA G 135 10.15 -13.58 -5.65
N ARG H 18 24.82 -1.73 37.11
CA ARG H 18 26.18 -1.38 36.60
C ARG H 18 26.39 -1.98 35.21
N HIS H 19 25.56 -2.96 34.86
CA HIS H 19 25.63 -3.63 33.55
C HIS H 19 24.54 -4.69 33.42
N ARG H 20 24.05 -4.89 32.20
CA ARG H 20 22.98 -5.86 31.95
C ARG H 20 23.46 -7.24 31.52
N LYS H 21 22.49 -8.12 31.30
CA LYS H 21 22.73 -9.50 30.88
C LYS H 21 22.70 -9.60 29.35
N VAL H 22 23.53 -10.48 28.80
CA VAL H 22 23.59 -10.66 27.35
C VAL H 22 22.33 -11.35 26.86
N LEU H 23 21.75 -10.76 25.82
CA LEU H 23 20.54 -11.28 25.21
C LEU H 23 20.89 -12.07 23.95
N ARG H 24 20.53 -13.34 23.92
CA ARG H 24 20.80 -14.15 22.74
C ARG H 24 19.85 -15.35 22.64
N ASP H 25 19.58 -15.76 21.40
CA ASP H 25 18.72 -16.91 21.12
C ASP H 25 17.27 -16.71 21.59
N ASN H 26 16.87 -15.46 21.82
CA ASN H 26 15.53 -15.21 22.30
C ASN H 26 14.42 -15.57 21.33
N ILE H 27 14.76 -15.77 20.06
CA ILE H 27 13.76 -16.14 19.08
C ILE H 27 13.15 -17.51 19.45
N GLN H 28 13.81 -18.28 20.32
CA GLN H 28 13.28 -19.59 20.73
C GLN H 28 12.19 -19.42 21.79
N GLY H 29 12.04 -18.19 22.26
CA GLY H 29 11.02 -17.88 23.25
C GLY H 29 9.66 -17.97 22.54
N ILE H 30 9.69 -17.94 21.22
CA ILE H 30 8.47 -18.10 20.44
C ILE H 30 8.39 -19.64 20.35
N THR H 31 7.83 -20.23 21.39
CA THR H 31 7.70 -21.67 21.49
C THR H 31 6.78 -22.35 20.50
N LYS H 32 6.94 -23.66 20.40
CA LYS H 32 6.14 -24.48 19.53
C LYS H 32 4.66 -24.36 19.94
N PRO H 33 4.36 -24.37 21.26
CA PRO H 33 2.96 -24.25 21.68
C PRO H 33 2.35 -22.90 21.27
N ALA H 34 3.15 -21.85 21.32
CA ALA H 34 2.69 -20.52 20.95
C ALA H 34 2.41 -20.45 19.45
N ILE H 35 3.28 -21.04 18.65
CA ILE H 35 3.07 -21.02 17.22
C ILE H 35 1.85 -21.83 16.83
N ARG H 36 1.61 -22.92 17.54
CA ARG H 36 0.46 -23.76 17.26
C ARG H 36 -0.81 -22.93 17.51
N ARG H 37 -0.86 -22.23 18.62
CA ARG H 37 -2.00 -21.41 18.95
C ARG H 37 -2.29 -20.38 17.85
N LEU H 38 -1.26 -19.66 17.42
CA LEU H 38 -1.45 -18.68 16.36
C LEU H 38 -2.01 -19.34 15.12
N ALA H 39 -1.49 -20.51 14.80
CA ALA H 39 -1.95 -21.23 13.63
C ALA H 39 -3.42 -21.57 13.85
N ARG H 40 -3.77 -21.92 15.09
CA ARG H 40 -5.15 -22.26 15.41
C ARG H 40 -6.06 -21.07 15.19
N ARG H 41 -5.66 -19.90 15.67
CA ARG H 41 -6.49 -18.73 15.46
C ARG H 41 -6.59 -18.49 13.97
N GLY H 42 -5.58 -18.93 13.22
CA GLY H 42 -5.56 -18.75 11.78
C GLY H 42 -6.33 -19.82 11.02
N GLY H 43 -6.98 -20.73 11.75
CA GLY H 43 -7.79 -21.79 11.10
C GLY H 43 -7.08 -23.08 10.73
N VAL H 44 -5.83 -23.21 11.16
CA VAL H 44 -5.01 -24.37 10.85
C VAL H 44 -5.26 -25.60 11.71
N LYS H 45 -5.49 -26.72 11.05
CA LYS H 45 -5.78 -27.97 11.74
C LYS H 45 -4.54 -28.88 11.97
N ARG H 46 -3.68 -29.00 10.97
CA ARG H 46 -2.50 -29.85 11.06
C ARG H 46 -1.21 -29.09 10.69
N ILE H 47 -0.18 -29.26 11.51
CA ILE H 47 1.08 -28.56 11.32
C ILE H 47 2.33 -29.42 11.15
N SER H 48 3.01 -29.27 10.02
CA SER H 48 4.24 -30.04 9.78
C SER H 48 5.35 -29.65 10.76
N GLY H 49 6.21 -30.62 11.06
CA GLY H 49 7.32 -30.35 11.97
C GLY H 49 8.24 -29.19 11.60
N LEU H 50 8.41 -28.91 10.31
CA LEU H 50 9.29 -27.81 9.91
C LEU H 50 8.67 -26.41 9.94
N ILE H 51 7.38 -26.32 10.29
CA ILE H 51 6.70 -25.03 10.33
C ILE H 51 7.26 -24.10 11.40
N TYR H 52 7.58 -24.67 12.55
CA TYR H 52 8.06 -23.87 13.68
C TYR H 52 9.32 -23.04 13.42
N GLU H 53 10.31 -23.59 12.71
CA GLU H 53 11.51 -22.79 12.44
C GLU H 53 11.21 -21.83 11.27
N GLU H 54 10.31 -22.22 10.39
CA GLU H 54 9.99 -21.33 9.29
C GLU H 54 9.32 -20.09 9.88
N THR H 55 8.42 -20.30 10.84
CA THR H 55 7.69 -19.21 11.45
C THR H 55 8.56 -18.27 12.23
N ARG H 56 9.50 -18.80 13.00
CA ARG H 56 10.42 -17.94 13.75
C ARG H 56 11.15 -17.04 12.76
N GLY H 57 11.60 -17.63 11.65
CA GLY H 57 12.32 -16.87 10.64
C GLY H 57 11.49 -15.73 10.08
N VAL H 58 10.23 -16.04 9.77
CA VAL H 58 9.30 -15.04 9.24
C VAL H 58 9.07 -13.95 10.27
N LEU H 59 8.87 -14.33 11.53
CA LEU H 59 8.66 -13.31 12.55
C LEU H 59 9.90 -12.44 12.73
N LYS H 60 11.09 -13.04 12.76
CA LYS H 60 12.31 -12.26 12.93
C LYS H 60 12.41 -11.18 11.87
N VAL H 61 12.22 -11.57 10.60
CA VAL H 61 12.25 -10.59 9.52
C VAL H 61 11.19 -9.49 9.76
N PHE H 62 9.97 -9.88 10.11
CA PHE H 62 8.92 -8.91 10.34
C PHE H 62 9.35 -7.93 11.43
N LEU H 63 9.81 -8.46 12.55
CA LEU H 63 10.26 -7.60 13.64
C LEU H 63 11.42 -6.69 13.33
N GLU H 64 12.42 -7.19 12.60
CA GLU H 64 13.59 -6.37 12.28
C GLU H 64 13.17 -5.18 11.45
N ASN H 65 12.27 -5.43 10.49
CA ASN H 65 11.81 -4.35 9.62
C ASN H 65 11.03 -3.26 10.36
N VAL H 66 10.16 -3.65 11.29
CA VAL H 66 9.38 -2.65 12.00
C VAL H 66 10.24 -1.96 13.04
N ILE H 67 11.01 -2.74 13.77
CA ILE H 67 11.87 -2.14 14.78
C ILE H 67 12.89 -1.20 14.16
N ARG H 68 13.42 -1.57 12.99
CA ARG H 68 14.39 -0.71 12.32
C ARG H 68 13.78 0.68 12.05
N ASP H 69 12.52 0.70 11.61
CA ASP H 69 11.85 1.97 11.36
C ASP H 69 11.53 2.70 12.65
N ALA H 70 10.96 1.98 13.63
CA ALA H 70 10.62 2.59 14.91
C ALA H 70 11.84 3.28 15.53
N VAL H 71 12.97 2.58 15.57
CA VAL H 71 14.20 3.16 16.11
C VAL H 71 14.65 4.37 15.27
N THR H 72 14.48 4.29 13.95
CA THR H 72 14.88 5.42 13.13
C THR H 72 14.07 6.68 13.55
N TYR H 73 12.79 6.50 13.85
CA TYR H 73 11.98 7.64 14.30
C TYR H 73 12.48 8.12 15.68
N THR H 74 12.81 7.16 16.55
CA THR H 74 13.30 7.46 17.89
C THR H 74 14.58 8.34 17.78
N GLU H 75 15.54 7.89 16.98
CA GLU H 75 16.79 8.62 16.80
C GLU H 75 16.55 9.96 16.14
N HIS H 76 15.54 10.06 15.28
CA HIS H 76 15.32 11.34 14.63
C HIS H 76 14.87 12.40 15.63
N ALA H 77 14.15 11.96 16.65
CA ALA H 77 13.65 12.86 17.66
C ALA H 77 14.66 13.01 18.80
N LYS H 78 15.81 12.39 18.62
CA LYS H 78 16.89 12.46 19.60
C LYS H 78 16.51 11.92 20.96
N ARG H 79 15.78 10.81 20.96
CA ARG H 79 15.36 10.16 22.20
C ARG H 79 16.12 8.84 22.31
N LYS H 80 16.09 8.24 23.50
CA LYS H 80 16.76 6.96 23.73
C LYS H 80 15.70 5.91 24.07
N THR H 81 14.46 6.36 24.09
CA THR H 81 13.30 5.53 24.44
C THR H 81 12.32 5.36 23.28
N VAL H 82 12.15 4.12 22.83
CA VAL H 82 11.21 3.83 21.74
C VAL H 82 9.80 3.96 22.28
N THR H 83 9.02 4.87 21.71
CA THR H 83 7.64 5.10 22.13
C THR H 83 6.65 4.28 21.28
N ALA H 84 5.45 4.14 21.83
CA ALA H 84 4.39 3.44 21.14
C ALA H 84 4.14 4.17 19.80
N MET H 85 4.26 5.50 19.80
CA MET H 85 4.06 6.25 18.57
C MET H 85 5.10 5.88 17.49
N ASP H 86 6.37 5.71 17.89
CA ASP H 86 7.40 5.34 16.93
C ASP H 86 6.99 4.02 16.25
N VAL H 87 6.49 3.09 17.03
CA VAL H 87 6.05 1.79 16.52
C VAL H 87 4.86 1.98 15.58
N VAL H 88 3.87 2.75 16.02
CA VAL H 88 2.69 3.03 15.23
C VAL H 88 3.05 3.70 13.89
N TYR H 89 3.95 4.69 13.91
CA TYR H 89 4.33 5.32 12.63
C TYR H 89 5.10 4.33 11.77
N ALA H 90 5.89 3.46 12.39
CA ALA H 90 6.66 2.49 11.62
C ALA H 90 5.70 1.48 10.97
N LEU H 91 4.71 1.04 11.73
CA LEU H 91 3.73 0.10 11.17
C LEU H 91 2.93 0.80 10.05
N LYS H 92 2.56 2.05 10.27
CA LYS H 92 1.80 2.79 9.26
C LYS H 92 2.57 2.88 7.95
N ARG H 93 3.83 3.31 7.99
CA ARG H 93 4.56 3.43 6.73
C ARG H 93 4.83 2.09 6.05
N GLN H 94 4.68 1.00 6.78
CA GLN H 94 4.85 -0.32 6.21
C GLN H 94 3.52 -0.88 5.71
N GLY H 95 2.51 -0.02 5.71
CA GLY H 95 1.20 -0.43 5.26
C GLY H 95 0.48 -1.38 6.20
N ARG H 96 0.83 -1.34 7.50
CA ARG H 96 0.17 -2.20 8.47
C ARG H 96 -0.37 -1.35 9.63
N THR H 97 -1.19 -0.36 9.27
CA THR H 97 -1.80 0.54 10.24
C THR H 97 -2.32 -0.17 11.47
N LEU H 98 -2.05 0.42 12.64
CA LEU H 98 -2.46 -0.17 13.90
C LEU H 98 -3.30 0.78 14.72
N TYR H 99 -4.50 0.34 15.10
CA TYR H 99 -5.39 1.15 15.94
C TYR H 99 -5.30 0.62 17.37
N GLY H 100 -5.31 1.53 18.35
CA GLY H 100 -5.29 1.09 19.74
C GLY H 100 -4.20 1.65 20.64
N PHE H 101 -3.19 2.27 20.05
CA PHE H 101 -2.09 2.78 20.85
C PHE H 101 -1.80 4.23 20.59
N GLY H 102 -2.81 4.95 20.09
CA GLY H 102 -2.66 6.36 19.82
C GLY H 102 -2.46 6.69 18.36
N GLY H 103 -2.23 7.96 18.07
CA GLY H 103 -2.04 8.39 16.70
C GLY H 103 -3.35 8.83 16.06
N THR I 16 25.19 29.90 -9.32
CA THR I 16 23.96 29.06 -9.18
C THR I 16 24.12 28.11 -7.99
N ARG I 17 23.03 27.89 -7.25
CA ARG I 17 23.08 27.02 -6.09
C ARG I 17 23.50 25.60 -6.44
N SER I 18 23.15 25.14 -7.64
CA SER I 18 23.51 23.79 -8.07
C SER I 18 25.03 23.64 -8.22
N SER I 19 25.67 24.62 -8.85
CA SER I 19 27.11 24.59 -9.06
C SER I 19 27.86 24.62 -7.73
N ARG I 20 27.32 25.35 -6.75
CA ARG I 20 27.96 25.43 -5.43
C ARG I 20 27.90 24.07 -4.75
N ALA I 21 26.83 23.32 -5.03
CA ALA I 21 26.67 21.99 -4.44
C ALA I 21 27.34 20.93 -5.29
N GLY I 22 27.73 21.32 -6.51
CA GLY I 22 28.39 20.39 -7.41
C GLY I 22 27.39 19.46 -8.06
N LEU I 23 26.18 19.95 -8.26
CA LEU I 23 25.12 19.13 -8.84
C LEU I 23 24.63 19.58 -10.21
N GLN I 24 24.08 18.62 -10.95
CA GLN I 24 23.52 18.85 -12.27
C GLN I 24 22.02 19.12 -12.10
N PHE I 25 21.46 18.66 -10.99
CA PHE I 25 20.04 18.86 -10.71
C PHE I 25 19.77 20.24 -10.13
N PRO I 26 18.68 20.89 -10.59
CA PRO I 26 18.23 22.23 -10.19
C PRO I 26 17.85 22.43 -8.72
N VAL I 27 18.82 22.87 -7.93
CA VAL I 27 18.57 23.12 -6.52
C VAL I 27 17.45 24.12 -6.35
N GLY I 28 17.53 25.21 -7.11
CA GLY I 28 16.51 26.25 -7.04
C GLY I 28 15.12 25.72 -7.29
N ARG I 29 14.97 24.86 -8.29
CA ARG I 29 13.67 24.29 -8.61
C ARG I 29 13.19 23.35 -7.50
N VAL I 30 14.09 22.53 -7.00
CA VAL I 30 13.74 21.59 -5.94
C VAL I 30 13.23 22.38 -4.75
N HIS I 31 13.95 23.43 -4.37
CA HIS I 31 13.55 24.26 -3.25
C HIS I 31 12.15 24.83 -3.47
N ARG I 32 11.94 25.37 -4.66
CA ARG I 32 10.65 25.95 -5.01
C ARG I 32 9.55 24.91 -4.90
N LEU I 33 9.81 23.71 -5.42
CA LEU I 33 8.83 22.62 -5.38
C LEU I 33 8.46 22.20 -3.95
N LEU I 34 9.40 22.31 -3.01
CA LEU I 34 9.12 21.94 -1.62
C LEU I 34 8.14 22.90 -0.96
N ARG I 35 8.33 24.21 -1.21
CA ARG I 35 7.48 25.26 -0.63
C ARG I 35 6.04 25.18 -1.11
N LYS I 36 5.87 25.11 -2.44
CA LYS I 36 4.56 25.05 -3.04
C LYS I 36 3.84 23.76 -2.64
N GLY I 37 4.62 22.73 -2.38
CA GLY I 37 4.06 21.45 -1.99
C GLY I 37 3.38 21.47 -0.63
N CYS I 38 3.63 22.51 0.15
CA CYS I 38 3.01 22.63 1.48
C CYS I 38 3.50 21.47 2.35
N TYR I 39 4.76 21.08 2.18
CA TYR I 39 5.33 19.97 2.93
C TYR I 39 5.59 20.36 4.38
N ALA I 40 5.83 21.64 4.61
CA ALA I 40 6.07 22.19 5.94
C ALA I 40 6.07 23.71 5.81
N GLU I 41 5.61 24.40 6.85
CA GLU I 41 5.55 25.85 6.84
C GLU I 41 6.83 26.50 6.29
N ARG I 42 7.98 25.98 6.71
CA ARG I 42 9.25 26.53 6.26
C ARG I 42 10.21 25.48 5.72
N VAL I 43 11.08 25.88 4.79
CA VAL I 43 12.05 24.96 4.19
C VAL I 43 13.48 25.45 4.35
N GLY I 44 14.27 24.71 5.13
CA GLY I 44 15.67 25.07 5.34
C GLY I 44 16.44 25.16 4.03
N ALA I 45 17.62 25.76 4.08
CA ALA I 45 18.44 25.93 2.89
C ALA I 45 19.15 24.66 2.45
N GLY I 46 19.57 23.85 3.42
CA GLY I 46 20.25 22.62 3.10
C GLY I 46 19.35 21.55 2.49
N ALA I 47 18.09 21.56 2.90
CA ALA I 47 17.11 20.57 2.41
C ALA I 47 17.05 20.42 0.90
N PRO I 48 16.88 21.53 0.16
CA PRO I 48 16.82 21.37 -1.30
C PRO I 48 18.09 20.78 -1.89
N VAL I 49 19.23 21.08 -1.28
CA VAL I 49 20.51 20.58 -1.77
C VAL I 49 20.60 19.07 -1.60
N TYR I 50 20.40 18.62 -0.37
CA TYR I 50 20.44 17.21 -0.03
C TYR I 50 19.47 16.42 -0.91
N LEU I 51 18.26 16.95 -1.08
CA LEU I 51 17.26 16.25 -1.87
C LEU I 51 17.67 16.19 -3.34
N ALA I 52 18.13 17.32 -3.87
CA ALA I 52 18.54 17.35 -5.26
C ALA I 52 19.69 16.35 -5.48
N ALA I 53 20.57 16.26 -4.49
CA ALA I 53 21.70 15.34 -4.55
C ALA I 53 21.22 13.89 -4.56
N VAL I 54 20.21 13.59 -3.74
CA VAL I 54 19.67 12.25 -3.69
C VAL I 54 18.99 11.87 -5.01
N LEU I 55 18.22 12.80 -5.56
CA LEU I 55 17.54 12.55 -6.82
C LEU I 55 18.56 12.35 -7.94
N GLU I 56 19.65 13.10 -7.90
CA GLU I 56 20.68 12.98 -8.92
C GLU I 56 21.31 11.60 -8.83
N TYR I 57 21.73 11.23 -7.63
CA TYR I 57 22.34 9.94 -7.43
C TYR I 57 21.44 8.77 -7.92
N LEU I 58 20.17 8.78 -7.54
CA LEU I 58 19.26 7.71 -7.97
C LEU I 58 19.12 7.70 -9.48
N THR I 59 19.12 8.89 -10.07
CA THR I 59 19.02 9.00 -11.52
C THR I 59 20.25 8.37 -12.18
N ALA I 60 21.43 8.71 -11.68
CA ALA I 60 22.67 8.16 -12.22
C ALA I 60 22.69 6.64 -12.11
N GLU I 61 22.31 6.15 -10.93
CA GLU I 61 22.27 4.72 -10.66
C GLU I 61 21.47 3.98 -11.74
N ILE I 62 20.29 4.49 -12.06
CA ILE I 62 19.46 3.85 -13.04
C ILE I 62 19.99 4.00 -14.47
N LEU I 63 20.42 5.20 -14.86
CA LEU I 63 20.95 5.42 -16.22
C LEU I 63 22.20 4.55 -16.44
N GLU I 64 23.00 4.39 -15.39
CA GLU I 64 24.20 3.56 -15.46
C GLU I 64 23.79 2.12 -15.81
N LEU I 65 22.88 1.54 -15.04
CA LEU I 65 22.45 0.16 -15.30
C LEU I 65 21.67 -0.02 -16.60
N ALA I 66 20.91 1.00 -16.99
CA ALA I 66 20.11 0.90 -18.23
C ALA I 66 21.06 1.07 -19.41
N GLY I 67 22.06 1.93 -19.23
CA GLY I 67 23.04 2.12 -20.28
C GLY I 67 23.71 0.77 -20.54
N ASN I 68 24.03 0.06 -19.45
CA ASN I 68 24.65 -1.25 -19.56
C ASN I 68 23.71 -2.25 -20.22
N ALA I 69 22.42 -2.13 -19.95
CA ALA I 69 21.44 -3.05 -20.54
C ALA I 69 21.32 -2.81 -22.04
N ALA I 70 21.54 -1.58 -22.45
CA ALA I 70 21.45 -1.23 -23.86
C ALA I 70 22.68 -1.75 -24.60
N ARG I 71 23.86 -1.60 -24.00
CA ARG I 71 25.07 -2.07 -24.66
C ARG I 71 25.04 -3.60 -24.73
N ASP I 72 24.48 -4.24 -23.72
CA ASP I 72 24.40 -5.70 -23.72
C ASP I 72 23.48 -6.16 -24.83
N ASN I 73 22.66 -5.25 -25.35
CA ASN I 73 21.75 -5.57 -26.44
C ASN I 73 22.24 -4.97 -27.74
N LYS I 74 23.51 -4.56 -27.74
CA LYS I 74 24.12 -3.95 -28.93
C LYS I 74 23.31 -2.77 -29.43
N LYS I 75 23.07 -1.81 -28.53
CA LYS I 75 22.30 -0.62 -28.86
C LYS I 75 22.91 0.56 -28.13
N THR I 76 22.79 1.74 -28.73
CA THR I 76 23.36 2.95 -28.15
C THR I 76 22.29 3.83 -27.52
N ARG I 77 21.03 3.53 -27.82
CA ARG I 77 19.95 4.32 -27.26
C ARG I 77 19.07 3.61 -26.23
N ILE I 78 19.03 4.19 -25.04
CA ILE I 78 18.23 3.67 -23.94
C ILE I 78 16.71 3.82 -24.19
N ILE I 79 16.02 2.68 -24.22
CA ILE I 79 14.57 2.65 -24.40
C ILE I 79 13.93 2.06 -23.12
N PRO I 80 12.61 2.16 -22.98
CA PRO I 80 11.91 1.61 -21.80
C PRO I 80 12.37 0.23 -21.34
N ARG I 81 12.49 -0.70 -22.29
CA ARG I 81 12.91 -2.07 -21.99
C ARG I 81 14.21 -2.09 -21.19
N HIS I 82 15.17 -1.24 -21.57
CA HIS I 82 16.43 -1.22 -20.86
C HIS I 82 16.22 -0.79 -19.41
N LEU I 83 15.31 0.17 -19.20
CA LEU I 83 15.02 0.65 -17.85
C LEU I 83 14.41 -0.50 -17.04
N GLN I 84 13.54 -1.27 -17.67
CA GLN I 84 12.90 -2.41 -17.01
C GLN I 84 13.95 -3.44 -16.58
N LEU I 85 14.82 -3.83 -17.50
CA LEU I 85 15.89 -4.79 -17.22
C LEU I 85 16.86 -4.26 -16.16
N ALA I 86 17.16 -2.97 -16.22
CA ALA I 86 18.06 -2.38 -15.24
C ALA I 86 17.48 -2.53 -13.84
N VAL I 87 16.26 -2.03 -13.69
CA VAL I 87 15.53 -2.05 -12.43
C VAL I 87 15.22 -3.45 -11.89
N ARG I 88 14.60 -4.31 -12.70
CA ARG I 88 14.25 -5.65 -12.22
C ARG I 88 15.44 -6.57 -11.92
N ASN I 89 16.55 -6.39 -12.62
CA ASN I 89 17.71 -7.22 -12.36
C ASN I 89 18.52 -6.72 -11.19
N ASP I 90 18.10 -5.61 -10.59
CA ASP I 90 18.80 -5.06 -9.43
C ASP I 90 17.91 -5.26 -8.20
N GLU I 91 18.40 -6.01 -7.23
CA GLU I 91 17.60 -6.28 -6.03
C GLU I 91 17.06 -5.01 -5.34
N GLU I 92 17.92 -4.03 -5.10
CA GLU I 92 17.48 -2.82 -4.41
C GLU I 92 16.58 -1.90 -5.23
N LEU I 93 16.87 -1.70 -6.51
CA LEU I 93 16.02 -0.85 -7.32
C LEU I 93 14.67 -1.53 -7.51
N ASN I 94 14.69 -2.85 -7.66
CA ASN I 94 13.46 -3.59 -7.86
C ASN I 94 12.54 -3.38 -6.66
N LYS I 95 13.12 -3.41 -5.48
CA LYS I 95 12.34 -3.21 -4.27
C LYS I 95 11.79 -1.78 -4.26
N LEU I 96 12.66 -0.80 -4.45
CA LEU I 96 12.23 0.60 -4.46
C LEU I 96 11.06 0.83 -5.42
N LEU I 97 11.02 0.08 -6.52
CA LEU I 97 9.99 0.24 -7.52
C LEU I 97 9.09 -0.99 -7.67
N GLY I 98 8.92 -1.72 -6.58
CA GLY I 98 8.11 -2.93 -6.58
C GLY I 98 6.64 -2.73 -6.90
N ARG I 99 6.12 -1.53 -6.67
CA ARG I 99 4.71 -1.27 -6.97
C ARG I 99 4.58 -0.34 -8.17
N VAL I 100 5.63 -0.30 -8.98
CA VAL I 100 5.66 0.56 -10.17
C VAL I 100 5.68 -0.21 -11.47
N THR I 101 4.95 0.32 -12.46
CA THR I 101 4.90 -0.27 -13.78
C THR I 101 5.61 0.68 -14.75
N ILE I 102 6.65 0.18 -15.40
CA ILE I 102 7.40 0.95 -16.39
C ILE I 102 6.71 0.58 -17.71
N ALA I 103 6.05 1.55 -18.35
CA ALA I 103 5.35 1.27 -19.60
C ALA I 103 6.28 0.75 -20.69
N GLN I 104 5.78 -0.20 -21.48
CA GLN I 104 6.54 -0.81 -22.57
C GLN I 104 7.86 -1.41 -22.10
N GLY I 105 7.87 -1.93 -20.87
CA GLY I 105 9.07 -2.52 -20.33
C GLY I 105 9.13 -4.04 -20.42
N GLY I 106 7.96 -4.68 -20.54
CA GLY I 106 7.92 -6.14 -20.62
C GLY I 106 8.40 -6.77 -19.33
N VAL I 107 8.72 -8.07 -19.36
CA VAL I 107 9.19 -8.77 -18.19
C VAL I 107 10.54 -9.46 -18.43
N LEU I 108 11.19 -9.92 -17.36
CA LEU I 108 12.48 -10.60 -17.51
C LEU I 108 12.26 -12.01 -18.03
N PRO I 109 13.19 -12.50 -18.87
CA PRO I 109 13.01 -13.87 -19.36
C PRO I 109 13.08 -14.77 -18.13
N ASN I 110 12.09 -15.65 -17.97
CA ASN I 110 12.07 -16.50 -16.79
C ASN I 110 11.03 -17.60 -16.95
N ILE I 111 11.50 -18.85 -16.87
CA ILE I 111 10.62 -19.99 -17.02
C ILE I 111 10.80 -21.01 -15.89
N GLN I 112 9.70 -21.32 -15.20
CA GLN I 112 9.75 -22.30 -14.12
C GLN I 112 10.36 -23.60 -14.65
N SER I 113 11.41 -24.07 -14.00
CA SER I 113 12.13 -25.26 -14.42
C SER I 113 11.27 -26.50 -14.68
N VAL I 114 10.17 -26.65 -13.95
CA VAL I 114 9.30 -27.81 -14.12
C VAL I 114 8.56 -27.82 -15.45
N LEU I 115 8.64 -26.71 -16.19
CA LEU I 115 7.98 -26.62 -17.49
C LEU I 115 8.94 -26.87 -18.65
N LEU I 116 10.22 -27.09 -18.34
CA LEU I 116 11.20 -27.34 -19.39
C LEU I 116 11.07 -28.75 -19.98
N PRO I 117 11.62 -28.95 -21.20
CA PRO I 117 11.56 -30.24 -21.89
C PRO I 117 12.09 -31.42 -21.08
N LYS I 118 11.70 -32.62 -21.50
CA LYS I 118 12.09 -33.88 -20.86
C LYS I 118 12.07 -33.80 -19.34
N ARG J 27 2.02 31.52 -25.85
CA ARG J 27 0.81 31.50 -24.97
C ARG J 27 0.61 30.17 -24.24
N LYS J 28 1.12 29.08 -24.80
CA LYS J 28 0.99 27.77 -24.15
C LYS J 28 1.70 27.80 -22.79
N THR J 29 1.04 27.27 -21.76
CA THR J 29 1.62 27.28 -20.43
C THR J 29 2.86 26.39 -20.30
N ARG J 30 3.91 26.95 -19.72
CA ARG J 30 5.17 26.24 -19.53
C ARG J 30 4.99 25.05 -18.60
N LYS J 31 5.46 23.88 -19.05
CA LYS J 31 5.36 22.66 -18.27
C LYS J 31 6.77 22.17 -17.94
N GLU J 32 7.17 22.30 -16.68
CA GLU J 32 8.49 21.86 -16.26
C GLU J 32 8.65 20.34 -16.26
N SER J 33 9.89 19.90 -16.47
CA SER J 33 10.27 18.49 -16.53
C SER J 33 11.74 18.41 -16.11
N TYR J 34 12.20 17.22 -15.73
CA TYR J 34 13.59 17.06 -15.31
C TYR J 34 14.43 16.54 -16.46
N ALA J 35 13.82 16.47 -17.64
CA ALA J 35 14.47 15.95 -18.85
C ALA J 35 15.88 16.50 -19.16
N ILE J 36 16.07 17.81 -19.10
CA ILE J 36 17.39 18.38 -19.39
C ILE J 36 18.43 18.00 -18.35
N TYR J 37 18.00 17.92 -17.09
CA TYR J 37 18.90 17.58 -16.00
C TYR J 37 19.21 16.08 -16.04
N VAL J 38 18.22 15.28 -16.43
CA VAL J 38 18.41 13.83 -16.55
C VAL J 38 19.42 13.58 -17.66
N TYR J 39 19.23 14.28 -18.77
CA TYR J 39 20.10 14.16 -19.93
C TYR J 39 21.56 14.48 -19.57
N LYS J 40 21.76 15.53 -18.77
CA LYS J 40 23.11 15.90 -18.35
C LYS J 40 23.76 14.72 -17.62
N VAL J 41 23.06 14.18 -16.62
CA VAL J 41 23.56 13.07 -15.83
C VAL J 41 23.84 11.83 -16.67
N LEU J 42 23.08 11.67 -17.76
CA LEU J 42 23.28 10.53 -18.64
C LEU J 42 24.63 10.62 -19.34
N LYS J 43 25.03 11.84 -19.72
CA LYS J 43 26.30 12.03 -20.41
C LYS J 43 27.53 11.85 -19.54
N GLN J 44 27.36 11.93 -18.23
CA GLN J 44 28.48 11.73 -17.32
C GLN J 44 28.72 10.23 -17.12
N VAL J 45 27.65 9.44 -17.05
CA VAL J 45 27.76 8.00 -16.85
C VAL J 45 27.91 7.19 -18.14
N HIS J 46 27.38 7.71 -19.23
CA HIS J 46 27.46 7.03 -20.53
C HIS J 46 27.46 8.09 -21.62
N PRO J 47 28.63 8.69 -21.87
CA PRO J 47 28.82 9.75 -22.87
C PRO J 47 28.35 9.44 -24.29
N ASP J 48 28.42 8.18 -24.69
CA ASP J 48 28.04 7.82 -26.05
C ASP J 48 26.68 7.13 -26.23
N THR J 49 25.89 7.10 -25.17
CA THR J 49 24.57 6.46 -25.25
C THR J 49 23.47 7.52 -25.16
N GLY J 50 22.38 7.31 -25.89
CA GLY J 50 21.29 8.26 -25.87
C GLY J 50 20.09 7.72 -25.12
N ILE J 51 18.93 8.34 -25.32
CA ILE J 51 17.70 7.91 -24.65
C ILE J 51 16.48 8.39 -25.41
N SER J 52 15.55 7.48 -25.65
CA SER J 52 14.32 7.81 -26.36
C SER J 52 13.44 8.73 -25.51
N SER J 53 12.51 9.43 -26.15
CA SER J 53 11.65 10.35 -25.43
C SER J 53 10.80 9.59 -24.42
N LYS J 54 10.23 8.47 -24.86
CA LYS J 54 9.41 7.64 -23.99
C LYS J 54 10.20 7.21 -22.75
N ALA J 55 11.47 6.85 -22.93
CA ALA J 55 12.31 6.45 -21.81
C ALA J 55 12.59 7.66 -20.91
N MET J 56 12.65 8.83 -21.53
CA MET J 56 12.92 10.07 -20.79
C MET J 56 11.69 10.41 -19.95
N SER J 57 10.51 10.14 -20.50
CA SER J 57 9.28 10.43 -19.78
C SER J 57 9.23 9.56 -18.51
N ILE J 58 9.68 8.32 -18.65
CA ILE J 58 9.73 7.37 -17.55
C ILE J 58 10.69 7.86 -16.47
N MET J 59 11.85 8.37 -16.87
CA MET J 59 12.81 8.88 -15.90
C MET J 59 12.22 10.07 -15.16
N ASN J 60 11.50 10.91 -15.90
CA ASN J 60 10.88 12.08 -15.33
C ASN J 60 9.83 11.62 -14.30
N SER J 61 9.06 10.60 -14.66
CA SER J 61 8.04 10.05 -13.75
C SER J 61 8.76 9.53 -12.52
N PHE J 62 9.89 8.87 -12.72
CA PHE J 62 10.69 8.33 -11.61
C PHE J 62 11.14 9.41 -10.62
N VAL J 63 11.71 10.49 -11.14
CA VAL J 63 12.21 11.58 -10.29
C VAL J 63 11.09 12.22 -9.48
N ASN J 64 9.98 12.52 -10.15
CA ASN J 64 8.84 13.13 -9.49
C ASN J 64 8.30 12.24 -8.39
N ASP J 65 8.22 10.95 -8.69
CA ASP J 65 7.74 9.96 -7.73
C ASP J 65 8.63 10.00 -6.47
N VAL J 66 9.93 9.76 -6.63
CA VAL J 66 10.85 9.77 -5.49
C VAL J 66 10.82 11.09 -4.75
N PHE J 67 10.76 12.20 -5.50
CA PHE J 67 10.70 13.50 -4.85
C PHE J 67 9.52 13.50 -3.89
N GLU J 68 8.34 13.15 -4.39
CA GLU J 68 7.13 13.11 -3.57
C GLU J 68 7.23 12.15 -2.40
N ARG J 69 7.77 10.96 -2.62
CA ARG J 69 7.90 10.02 -1.52
C ARG J 69 8.76 10.61 -0.40
N ILE J 70 9.91 11.18 -0.76
CA ILE J 70 10.82 11.74 0.22
C ILE J 70 10.29 12.97 0.93
N ALA J 71 9.72 13.90 0.16
CA ALA J 71 9.15 15.13 0.75
C ALA J 71 8.00 14.76 1.67
N GLY J 72 7.25 13.73 1.28
CA GLY J 72 6.13 13.27 2.09
C GLY J 72 6.58 12.76 3.46
N GLU J 73 7.55 11.85 3.46
CA GLU J 73 8.05 11.30 4.72
C GLU J 73 8.68 12.43 5.54
N ALA J 74 9.34 13.36 4.86
CA ALA J 74 9.98 14.50 5.51
C ALA J 74 8.91 15.31 6.22
N SER J 75 7.84 15.59 5.49
CA SER J 75 6.70 16.35 6.02
C SER J 75 6.17 15.70 7.31
N ARG J 76 5.85 14.42 7.22
CA ARG J 76 5.37 13.69 8.37
C ARG J 76 6.37 13.74 9.53
N LEU J 77 7.65 13.49 9.25
CA LEU J 77 8.66 13.55 10.30
C LEU J 77 8.60 14.88 11.05
N ALA J 78 8.52 15.98 10.31
CA ALA J 78 8.47 17.28 10.94
C ALA J 78 7.23 17.39 11.82
N HIS J 79 6.07 16.99 11.30
CA HIS J 79 4.84 17.04 12.08
C HIS J 79 4.89 16.14 13.33
N TYR J 80 5.44 14.94 13.20
CA TYR J 80 5.51 14.05 14.36
C TYR J 80 6.33 14.69 15.46
N ASN J 81 7.28 15.51 15.07
CA ASN J 81 8.13 16.15 16.06
C ASN J 81 7.78 17.60 16.38
N LYS J 82 6.55 17.98 16.07
CA LYS J 82 6.06 19.34 16.35
C LYS J 82 7.00 20.42 15.82
N ARG J 83 7.55 20.20 14.64
CA ARG J 83 8.45 21.15 14.00
C ARG J 83 7.75 21.73 12.78
N SER J 84 8.16 22.93 12.38
CA SER J 84 7.55 23.56 11.22
C SER J 84 8.56 23.77 10.10
N THR J 85 9.76 23.26 10.31
CA THR J 85 10.82 23.40 9.31
C THR J 85 11.34 22.05 8.79
N ILE J 86 11.43 21.93 7.47
CA ILE J 86 11.96 20.72 6.86
C ILE J 86 13.42 20.99 6.54
N THR J 87 14.31 20.38 7.32
CA THR J 87 15.75 20.58 7.14
C THR J 87 16.40 19.37 6.48
N SER J 88 17.72 19.40 6.38
CA SER J 88 18.45 18.30 5.77
C SER J 88 18.38 17.03 6.66
N ARG J 89 18.08 17.20 7.94
CA ARG J 89 17.94 16.06 8.83
C ARG J 89 16.66 15.31 8.49
N GLU J 90 15.61 16.03 8.11
CA GLU J 90 14.36 15.38 7.76
C GLU J 90 14.51 14.61 6.47
N ILE J 91 15.18 15.23 5.50
CA ILE J 91 15.39 14.58 4.22
C ILE J 91 16.24 13.35 4.43
N GLN J 92 17.27 13.48 5.27
CA GLN J 92 18.17 12.36 5.54
C GLN J 92 17.42 11.18 6.18
N THR J 93 16.71 11.44 7.27
CA THR J 93 15.94 10.38 7.92
C THR J 93 14.91 9.81 6.92
N ALA J 94 14.29 10.68 6.14
CA ALA J 94 13.32 10.23 5.15
C ALA J 94 13.99 9.23 4.21
N VAL J 95 15.22 9.51 3.83
CA VAL J 95 15.95 8.63 2.92
C VAL J 95 16.23 7.26 3.55
N ARG J 96 16.64 7.25 4.81
CA ARG J 96 16.92 5.98 5.47
C ARG J 96 15.68 5.09 5.54
N LEU J 97 14.53 5.72 5.71
CA LEU J 97 13.26 5.01 5.80
C LEU J 97 12.74 4.50 4.45
N LEU J 98 12.97 5.27 3.38
CA LEU J 98 12.50 4.92 2.04
C LEU J 98 13.40 4.05 1.18
N LEU J 99 14.69 4.37 1.14
CA LEU J 99 15.60 3.59 0.30
C LEU J 99 16.07 2.33 0.98
N PRO J 100 16.16 1.22 0.23
CA PRO J 100 16.61 -0.03 0.83
C PRO J 100 18.14 -0.01 1.00
N GLY J 101 18.58 -0.60 2.11
CA GLY J 101 19.98 -0.72 2.47
C GLY J 101 21.11 0.09 1.85
N GLU J 102 21.75 -0.51 0.85
CA GLU J 102 22.89 0.10 0.17
C GLU J 102 22.55 1.39 -0.56
N LEU J 103 21.43 1.39 -1.26
CA LEU J 103 20.97 2.54 -2.00
C LEU J 103 20.86 3.72 -1.03
N ALA J 104 20.41 3.45 0.19
CA ALA J 104 20.27 4.50 1.20
C ALA J 104 21.62 4.98 1.71
N LYS J 105 22.56 4.05 1.87
CA LYS J 105 23.89 4.41 2.36
C LYS J 105 24.53 5.41 1.40
N HIS J 106 24.50 5.08 0.12
CA HIS J 106 25.09 5.97 -0.89
C HIS J 106 24.35 7.28 -1.04
N ALA J 107 23.01 7.23 -1.05
CA ALA J 107 22.23 8.46 -1.19
C ALA J 107 22.54 9.39 -0.02
N VAL J 108 22.62 8.83 1.19
CA VAL J 108 22.93 9.66 2.34
C VAL J 108 24.31 10.27 2.15
N SER J 109 25.21 9.48 1.57
CA SER J 109 26.58 9.90 1.32
C SER J 109 26.59 11.09 0.36
N GLU J 110 25.90 10.95 -0.77
CA GLU J 110 25.80 12.01 -1.77
C GLU J 110 25.14 13.27 -1.19
N GLY J 111 24.06 13.08 -0.43
CA GLY J 111 23.35 14.20 0.15
C GLY J 111 24.22 15.04 1.07
N THR J 112 24.94 14.38 1.97
CA THR J 112 25.81 15.06 2.91
C THR J 112 26.94 15.76 2.16
N LYS J 113 27.54 15.05 1.21
CA LYS J 113 28.62 15.60 0.41
C LYS J 113 28.19 16.90 -0.25
N ALA J 114 26.98 16.93 -0.78
CA ALA J 114 26.47 18.11 -1.46
C ALA J 114 26.15 19.28 -0.53
N VAL J 115 25.82 19.00 0.72
CA VAL J 115 25.52 20.08 1.64
C VAL J 115 26.79 20.68 2.22
N THR J 116 27.78 19.84 2.50
CA THR J 116 29.05 20.33 3.04
C THR J 116 29.72 21.20 1.97
N LYS J 117 29.75 20.69 0.75
CA LYS J 117 30.35 21.44 -0.36
C LYS J 117 29.58 22.72 -0.67
N TYR J 118 28.29 22.72 -0.36
CA TYR J 118 27.46 23.90 -0.61
C TYR J 118 27.65 24.91 0.51
N THR J 119 27.76 24.43 1.74
CA THR J 119 27.94 25.29 2.90
C THR J 119 29.29 26.01 2.90
N SER J 120 30.35 25.31 2.51
CA SER J 120 31.67 25.92 2.46
C SER J 120 31.96 26.37 1.03
N ALA J 121 31.22 27.37 0.57
CA ALA J 121 31.38 27.90 -0.78
C ALA J 121 30.61 29.20 -0.94
MN MN K . 6.13 -41.24 4.66
MN MN L . 19.80 30.93 26.77
MN MN M . -10.21 -36.18 -16.27
MN MN N . -9.78 -41.57 -14.79
MN MN O . 20.22 23.27 -40.00
MN MN P . 24.89 -19.06 -37.42
MN MN Q . -12.47 -8.39 39.42
MN MN R . 16.85 -17.24 -45.24
MN MN S . -17.92 37.58 -16.58
MN MN T . -19.62 11.84 43.50
MN MN U . -7.85 -37.35 30.29
MN MN V . -14.88 -20.08 -39.82
MN MN W . 10.42 -29.16 32.48
MN MN X . 18.49 28.60 -23.03
MN MN Y . 16.56 -6.68 -36.94
MN MN Z . 18.48 13.71 34.69
MN MN AA . 1.20 -48.01 11.91
MN MN BA . 0.70 -37.19 -13.53
MN MN CA . -6.70 37.15 -9.62
MN MN DA . 20.04 -33.26 -41.81
MN MN EA . -10.83 26.42 -18.95
MN MN FA . 3.59 -26.52 -41.33
MN MN GA . 26.40 -15.06 -41.83
MN MN HA . 0.31 -16.99 39.56
MN MN IA . -28.68 -25.72 35.06
MN MN JA . -18.00 -27.76 36.99
MN MN KA . -17.95 -15.86 32.64
MN MN LA . -16.55 25.38 -29.03
MN MN MA . -4.44 -39.20 1.42
MN MN NA . -16.56 21.93 30.30
MN MN OA . 9.66 31.23 19.70
MN MN PA . -5.96 -41.80 -26.29
CL CL QA . -10.75 -24.40 -11.30
CL CL RA . -16.09 25.51 0.77
MN MN SA . 23.02 -8.70 20.17
CL CL TA . 7.89 -27.66 2.40
CL CL UA . 18.38 22.86 6.11
#